data_1IYK
#
_entry.id   1IYK
#
_cell.length_a   58.696
_cell.length_b   95.334
_cell.length_c   176.549
_cell.angle_alpha   90.00
_cell.angle_beta   90.00
_cell.angle_gamma   90.00
#
_symmetry.space_group_name_H-M   'P 21 21 21'
#
loop_
_entity.id
_entity.type
_entity.pdbx_description
1 polymer 'MYRISTOYL-COA:PROTEIN N-MYRISTOYLTRANSFERASE'
2 non-polymer TETRADECANOYL-COA
3 non-polymer [CYCLOHEXYLETHYL]-[[[[4-[2-METHYL-1-IMIDAZOLYL-BUTYL]PHENYL]ACETYL]-SERYL]-LYSINYL]-AMINE
4 water water
#
_entity_poly.entity_id   1
_entity_poly.type   'polypeptide(L)'
_entity_poly.pdbx_seq_one_letter_code
;EGPIDKLKTPEDVPNDPLPLISDFEWSTLDIDDNLQLDELYKLLYDNYVEDIDATFRFKYSHEFFQWALKPPGWRKDWHV
GVRVKSTGKLVAFIAATPVTFKLNKSNKVIDSVEINFLCIHKKLRNKRLAPVLIKEITRRVNKQNIWQALYTGGSILPTP
LTTCRYQHRPINWSKLHDVGFSHLPPNQTKSSMVASYTLPNNPKLKGLRPMTGKDVSTVLSLLYKYQERFDIVQLFTEEE
FKHWMLGHDENSDSNVVKSYVVEDENGIITDYFSYYLLPFTVLDNAQHDELGIAYLFYYASDSFEKPNYKKRLNELITDA
LITSKKFGVDVFNCLTCQDNTYFLKDCKFGSGDGFLNYYLFNYRTFPMDGGIDKKTKEVVEDQTSGIGVVLL
;
_entity_poly.pdbx_strand_id   A,B
#
loop_
_chem_comp.id
_chem_comp.type
_chem_comp.name
_chem_comp.formula
MIM non-polymer [CYCLOHEXYLETHYL]-[[[[4-[2-METHYL-1-IMIDAZOLYL-BUTYL]PHENYL]ACETYL]-SERYL]-LYSINYL]-AMINE 'C33 H52 N6 O4'
MYA non-polymer TETRADECANOYL-COA 'C35 H62 N7 O17 P3 S'
#
# COMPACT_ATOMS: atom_id res chain seq x y z
N GLU A 1 -9.30 -19.20 32.01
CA GLU A 1 -9.31 -20.27 30.96
C GLU A 1 -10.32 -19.89 29.85
N GLY A 2 -9.81 -19.50 28.69
CA GLY A 2 -10.67 -19.11 27.57
C GLY A 2 -10.10 -18.00 26.70
N PRO A 3 -10.82 -17.59 25.63
CA PRO A 3 -10.35 -16.52 24.73
C PRO A 3 -10.12 -15.18 25.42
N ILE A 4 -9.18 -14.40 24.88
CA ILE A 4 -8.84 -13.09 25.44
C ILE A 4 -9.52 -11.93 24.72
N ASP A 5 -9.89 -12.12 23.46
CA ASP A 5 -10.56 -11.07 22.69
C ASP A 5 -12.07 -11.16 22.74
N LYS A 6 -12.74 -10.05 22.49
CA LYS A 6 -14.19 -10.02 22.51
C LYS A 6 -14.73 -10.71 21.26
N LEU A 7 -15.92 -11.32 21.38
CA LEU A 7 -16.53 -12.01 20.26
C LEU A 7 -16.73 -11.12 19.03
N LYS A 8 -16.54 -11.70 17.85
CA LYS A 8 -16.72 -11.00 16.58
C LYS A 8 -17.22 -12.05 15.59
N THR A 9 -17.62 -11.61 14.40
CA THR A 9 -18.06 -12.54 13.36
C THR A 9 -17.39 -12.05 12.08
N PRO A 10 -17.42 -12.86 11.01
CA PRO A 10 -16.80 -12.46 9.75
C PRO A 10 -17.12 -11.05 9.27
N GLU A 11 -18.32 -10.56 9.58
CA GLU A 11 -18.72 -9.21 9.18
C GLU A 11 -17.86 -8.14 9.84
N ASP A 12 -17.32 -8.44 11.02
CA ASP A 12 -16.50 -7.47 11.75
C ASP A 12 -15.06 -7.32 11.24
N VAL A 13 -14.64 -8.18 10.33
CA VAL A 13 -13.27 -8.10 9.81
C VAL A 13 -13.22 -7.47 8.42
N PRO A 14 -12.24 -6.57 8.19
CA PRO A 14 -12.04 -5.88 6.91
C PRO A 14 -11.99 -6.87 5.75
N ASN A 15 -12.54 -6.49 4.61
CA ASN A 15 -12.54 -7.38 3.46
C ASN A 15 -11.38 -7.15 2.50
N ASP A 16 -10.59 -6.11 2.75
CA ASP A 16 -9.44 -5.80 1.88
C ASP A 16 -8.13 -6.06 2.62
N PRO A 17 -7.11 -6.55 1.91
CA PRO A 17 -5.80 -6.83 2.50
C PRO A 17 -5.24 -5.62 3.23
N LEU A 18 -4.45 -5.85 4.27
CA LEU A 18 -3.86 -4.75 5.01
C LEU A 18 -2.80 -4.08 4.13
N PRO A 19 -2.58 -2.78 4.31
CA PRO A 19 -1.55 -2.12 3.48
C PRO A 19 -0.12 -2.54 3.86
N LEU A 20 0.73 -2.66 2.85
CA LEU A 20 2.11 -3.03 3.07
C LEU A 20 2.94 -1.78 3.36
N ILE A 21 4.17 -1.98 3.81
CA ILE A 21 5.02 -0.84 4.16
C ILE A 21 5.28 0.18 3.06
N SER A 22 5.37 1.44 3.46
CA SER A 22 5.62 2.53 2.53
C SER A 22 6.77 3.40 3.01
N ASP A 23 7.51 3.97 2.07
CA ASP A 23 8.63 4.84 2.45
C ASP A 23 8.15 6.26 2.65
N PHE A 24 6.86 6.50 2.38
CA PHE A 24 6.27 7.82 2.49
C PHE A 24 5.20 7.93 3.57
N GLU A 25 4.92 9.16 3.99
CA GLU A 25 3.90 9.42 4.99
C GLU A 25 3.19 10.72 4.67
N TRP A 26 1.92 10.83 5.07
CA TRP A 26 1.17 12.05 4.84
C TRP A 26 1.74 13.15 5.70
N SER A 27 1.55 14.38 5.25
CA SER A 27 2.02 15.52 6.00
C SER A 27 1.17 16.74 5.64
N THR A 28 0.40 17.23 6.61
CA THR A 28 -0.42 18.40 6.40
C THR A 28 0.52 19.59 6.48
N LEU A 29 0.53 20.40 5.43
CA LEU A 29 1.40 21.57 5.42
C LEU A 29 0.75 22.73 6.15
N ASP A 30 1.60 23.55 6.75
CA ASP A 30 1.14 24.75 7.44
C ASP A 30 1.91 25.84 6.72
N ILE A 31 1.26 26.52 5.78
CA ILE A 31 1.97 27.56 5.04
C ILE A 31 2.28 28.82 5.84
N ASP A 32 1.74 28.96 7.05
CA ASP A 32 2.04 30.13 7.87
C ASP A 32 3.43 29.96 8.45
N ASP A 33 3.98 28.78 8.27
CA ASP A 33 5.32 28.45 8.74
C ASP A 33 6.21 28.66 7.51
N ASN A 34 6.97 29.75 7.51
CA ASN A 34 7.83 30.10 6.40
C ASN A 34 8.68 28.95 5.84
N LEU A 35 9.25 28.13 6.74
CA LEU A 35 10.09 27.01 6.30
C LEU A 35 9.29 25.98 5.50
N GLN A 36 8.02 25.82 5.84
CA GLN A 36 7.17 24.87 5.11
C GLN A 36 6.74 25.49 3.79
N LEU A 37 6.59 26.82 3.78
CA LEU A 37 6.23 27.51 2.57
C LEU A 37 7.41 27.40 1.60
N ASP A 38 8.63 27.46 2.14
CA ASP A 38 9.84 27.32 1.31
C ASP A 38 9.90 25.94 0.66
N GLU A 39 9.49 24.92 1.39
CA GLU A 39 9.50 23.56 0.86
C GLU A 39 8.53 23.43 -0.32
N LEU A 40 7.31 23.95 -0.14
CA LEU A 40 6.29 23.91 -1.19
C LEU A 40 6.79 24.68 -2.41
N TYR A 41 7.34 25.86 -2.15
CA TYR A 41 7.86 26.71 -3.22
C TYR A 41 8.90 25.95 -4.04
N LYS A 42 9.81 25.29 -3.33
CA LYS A 42 10.87 24.52 -3.97
C LYS A 42 10.31 23.37 -4.81
N LEU A 43 9.37 22.62 -4.24
CA LEU A 43 8.78 21.50 -4.95
C LEU A 43 8.18 21.91 -6.31
N LEU A 44 7.37 22.96 -6.33
CA LEU A 44 6.77 23.40 -7.57
C LEU A 44 7.73 24.11 -8.51
N TYR A 45 8.69 24.84 -7.96
CA TYR A 45 9.66 25.54 -8.81
C TYR A 45 10.41 24.52 -9.67
N ASP A 46 10.82 23.41 -9.08
CA ASP A 46 11.56 22.40 -9.82
C ASP A 46 10.70 21.34 -10.53
N ASN A 47 9.46 21.15 -10.09
CA ASN A 47 8.65 20.08 -10.66
C ASN A 47 7.27 20.38 -11.22
N TYR A 48 6.85 21.63 -11.24
CA TYR A 48 5.51 21.91 -11.73
C TYR A 48 5.36 21.95 -13.25
N VAL A 49 4.16 22.35 -13.67
CA VAL A 49 3.74 22.41 -15.07
C VAL A 49 4.69 23.13 -16.02
N GLU A 50 4.96 22.46 -17.13
CA GLU A 50 5.84 22.94 -18.19
C GLU A 50 5.04 22.96 -19.49
N ASP A 51 5.55 23.67 -20.49
CA ASP A 51 4.87 23.69 -21.79
C ASP A 51 5.24 22.37 -22.48
N ILE A 52 4.57 22.07 -23.59
CA ILE A 52 4.79 20.84 -24.34
C ILE A 52 6.24 20.56 -24.72
N ASP A 53 7.04 21.60 -24.93
CA ASP A 53 8.44 21.44 -25.33
C ASP A 53 9.47 21.54 -24.21
N ALA A 54 9.01 21.61 -22.96
CA ALA A 54 9.92 21.71 -21.81
C ALA A 54 10.86 22.90 -21.94
N THR A 55 10.31 24.03 -22.34
CA THR A 55 11.10 25.25 -22.51
C THR A 55 10.86 26.21 -21.34
N PHE A 56 9.63 26.17 -20.82
CA PHE A 56 9.21 27.03 -19.70
C PHE A 56 8.47 26.27 -18.61
N ARG A 57 8.48 26.82 -17.40
CA ARG A 57 7.78 26.20 -16.29
C ARG A 57 7.13 27.29 -15.44
N PHE A 58 5.88 27.05 -15.03
CA PHE A 58 5.17 28.00 -14.18
C PHE A 58 6.02 28.29 -12.95
N LYS A 59 5.99 29.53 -12.49
CA LYS A 59 6.75 29.93 -11.31
C LYS A 59 5.85 30.71 -10.35
N TYR A 60 5.30 29.99 -9.38
CA TYR A 60 4.44 30.57 -8.37
C TYR A 60 5.32 31.05 -7.23
N SER A 61 5.17 32.31 -6.84
CA SER A 61 5.98 32.90 -5.77
C SER A 61 5.37 32.67 -4.39
N HIS A 62 6.11 33.06 -3.37
CA HIS A 62 5.63 32.93 -1.99
C HIS A 62 4.37 33.76 -1.81
N GLU A 63 4.43 35.00 -2.24
CA GLU A 63 3.29 35.89 -2.12
C GLU A 63 2.07 35.33 -2.86
N PHE A 64 2.30 34.70 -4.02
CA PHE A 64 1.20 34.13 -4.81
C PHE A 64 0.53 32.98 -4.06
N PHE A 65 1.33 32.12 -3.41
CA PHE A 65 0.78 31.01 -2.62
C PHE A 65 -0.08 31.52 -1.47
N GLN A 66 0.44 32.51 -0.73
CA GLN A 66 -0.29 33.07 0.41
C GLN A 66 -1.65 33.64 -0.03
N TRP A 67 -1.69 34.27 -1.21
CA TRP A 67 -2.92 34.85 -1.74
C TRP A 67 -3.89 33.77 -2.20
N ALA A 68 -3.40 32.84 -3.02
CA ALA A 68 -4.22 31.76 -3.59
C ALA A 68 -4.71 30.71 -2.61
N LEU A 69 -3.90 30.39 -1.61
CA LEU A 69 -4.29 29.34 -0.68
C LEU A 69 -4.97 29.84 0.60
N LYS A 70 -4.97 31.14 0.82
CA LYS A 70 -5.57 31.67 2.05
C LYS A 70 -6.77 32.59 1.91
N PRO A 71 -7.76 32.20 1.09
CA PRO A 71 -8.91 33.11 0.97
C PRO A 71 -9.73 32.86 2.23
N PRO A 72 -10.63 33.79 2.58
CA PRO A 72 -11.40 33.53 3.81
C PRO A 72 -12.12 32.19 3.78
N GLY A 73 -12.00 31.44 4.87
CA GLY A 73 -12.63 30.14 4.97
C GLY A 73 -11.68 29.00 4.63
N TRP A 74 -10.44 29.33 4.30
CA TRP A 74 -9.46 28.31 3.94
C TRP A 74 -9.18 27.35 5.09
N ARG A 75 -8.81 26.12 4.75
CA ARG A 75 -8.53 25.08 5.75
C ARG A 75 -7.13 24.48 5.59
N LYS A 76 -6.38 24.47 6.68
CA LYS A 76 -5.02 23.93 6.70
C LYS A 76 -4.94 22.46 6.31
N ASP A 77 -5.89 21.65 6.75
CA ASP A 77 -5.87 20.24 6.42
C ASP A 77 -6.18 19.97 4.95
N TRP A 78 -6.46 21.02 4.19
CA TRP A 78 -6.74 20.87 2.77
C TRP A 78 -5.48 21.15 1.96
N HIS A 79 -4.36 21.33 2.65
CA HIS A 79 -3.06 21.53 2.01
C HIS A 79 -2.31 20.23 2.34
N VAL A 80 -2.47 19.26 1.44
CA VAL A 80 -1.92 17.93 1.60
C VAL A 80 -0.59 17.63 0.91
N GLY A 81 0.42 17.33 1.73
CA GLY A 81 1.74 17.00 1.21
C GLY A 81 2.07 15.55 1.50
N VAL A 82 3.15 15.07 0.89
CA VAL A 82 3.61 13.70 1.11
C VAL A 82 5.11 13.79 1.32
N ARG A 83 5.60 13.10 2.34
CA ARG A 83 7.02 13.14 2.66
C ARG A 83 7.72 11.79 2.72
N VAL A 84 9.02 11.82 2.43
CA VAL A 84 9.87 10.64 2.50
C VAL A 84 10.21 10.49 3.99
N LYS A 85 9.85 9.36 4.59
CA LYS A 85 10.09 9.13 6.01
C LYS A 85 11.55 9.26 6.46
N SER A 86 12.47 8.69 5.70
CA SER A 86 13.88 8.74 6.06
C SER A 86 14.47 10.14 6.15
N THR A 87 14.15 11.02 5.20
CA THR A 87 14.70 12.37 5.21
C THR A 87 13.70 13.49 5.53
N GLY A 88 12.41 13.19 5.43
CA GLY A 88 11.39 14.20 5.71
C GLY A 88 11.19 15.13 4.53
N LYS A 89 11.75 14.78 3.38
CA LYS A 89 11.64 15.62 2.19
C LYS A 89 10.24 15.58 1.58
N LEU A 90 9.73 16.77 1.22
CA LEU A 90 8.42 16.93 0.61
C LEU A 90 8.55 16.53 -0.86
N VAL A 91 7.75 15.56 -1.29
CA VAL A 91 7.84 15.09 -2.66
C VAL A 91 6.54 15.14 -3.45
N ALA A 92 5.45 15.51 -2.78
CA ALA A 92 4.18 15.60 -3.49
C ALA A 92 3.24 16.58 -2.78
N PHE A 93 2.27 17.09 -3.52
CA PHE A 93 1.33 18.05 -2.94
C PHE A 93 0.05 18.20 -3.76
N ILE A 94 -1.03 18.60 -3.10
CA ILE A 94 -2.32 18.85 -3.72
C ILE A 94 -3.14 19.72 -2.78
N ALA A 95 -3.94 20.63 -3.32
CA ALA A 95 -4.71 21.53 -2.47
C ALA A 95 -6.16 21.76 -2.89
N ALA A 96 -6.99 22.00 -1.88
CA ALA A 96 -8.39 22.29 -2.07
C ALA A 96 -8.61 23.66 -1.44
N THR A 97 -9.35 24.51 -2.14
CA THR A 97 -9.66 25.86 -1.67
C THR A 97 -11.15 26.08 -1.87
N PRO A 98 -11.84 26.67 -0.87
CA PRO A 98 -13.28 26.89 -1.00
C PRO A 98 -13.64 27.84 -2.13
N VAL A 99 -14.80 27.60 -2.72
CA VAL A 99 -15.29 28.41 -3.83
C VAL A 99 -16.77 28.17 -3.94
N THR A 100 -17.52 29.19 -4.35
CA THR A 100 -18.95 29.07 -4.53
C THR A 100 -19.22 29.40 -6.00
N PHE A 101 -19.91 28.53 -6.72
CA PHE A 101 -20.20 28.83 -8.11
C PHE A 101 -21.67 28.65 -8.42
N LYS A 102 -22.10 29.28 -9.50
CA LYS A 102 -23.49 29.21 -9.89
C LYS A 102 -23.60 28.85 -11.37
N LEU A 103 -24.56 27.97 -11.67
CA LEU A 103 -24.85 27.56 -13.04
C LEU A 103 -26.08 28.39 -13.37
N ASN A 104 -25.90 29.47 -14.11
CA ASN A 104 -27.00 30.36 -14.44
C ASN A 104 -28.20 29.78 -15.20
N LYS A 105 -27.99 28.80 -16.07
CA LYS A 105 -29.09 28.25 -16.83
C LYS A 105 -30.11 27.47 -16.00
N SER A 106 -29.68 26.94 -14.86
CA SER A 106 -30.57 26.19 -13.98
C SER A 106 -30.65 26.91 -12.65
N ASN A 107 -30.09 28.11 -12.59
CA ASN A 107 -30.07 28.91 -11.38
C ASN A 107 -29.80 28.03 -10.16
N LYS A 108 -28.64 27.38 -10.17
CA LYS A 108 -28.22 26.49 -9.10
C LYS A 108 -26.90 26.97 -8.47
N VAL A 109 -26.87 27.11 -7.15
CA VAL A 109 -25.69 27.58 -6.43
C VAL A 109 -25.04 26.44 -5.66
N ILE A 110 -23.74 26.23 -5.86
CA ILE A 110 -23.05 25.15 -5.18
C ILE A 110 -21.80 25.58 -4.43
N ASP A 111 -21.78 25.30 -3.12
CA ASP A 111 -20.63 25.61 -2.27
C ASP A 111 -19.70 24.45 -2.57
N SER A 112 -18.56 24.76 -3.15
CA SER A 112 -17.62 23.74 -3.57
C SER A 112 -16.18 24.05 -3.20
N VAL A 113 -15.26 23.46 -3.95
CA VAL A 113 -13.84 23.71 -3.76
C VAL A 113 -13.21 23.74 -5.15
N GLU A 114 -11.97 24.20 -5.19
CA GLU A 114 -11.19 24.24 -6.41
C GLU A 114 -9.97 23.41 -6.07
N ILE A 115 -9.62 22.47 -6.94
CA ILE A 115 -8.47 21.61 -6.72
C ILE A 115 -7.37 22.18 -7.61
N ASN A 116 -6.18 22.37 -7.03
CA ASN A 116 -5.09 22.95 -7.77
C ASN A 116 -3.75 22.51 -7.18
N PHE A 117 -2.65 22.86 -7.85
CA PHE A 117 -1.31 22.54 -7.39
C PHE A 117 -0.98 21.05 -7.20
N LEU A 118 -1.65 20.18 -7.94
CA LEU A 118 -1.34 18.76 -7.86
C LEU A 118 0.08 18.63 -8.43
N CYS A 119 1.01 18.09 -7.64
CA CYS A 119 2.38 17.96 -8.11
C CYS A 119 3.15 16.84 -7.42
N ILE A 120 3.88 16.09 -8.22
CA ILE A 120 4.71 14.98 -7.73
C ILE A 120 6.11 15.17 -8.27
N HIS A 121 7.10 15.02 -7.39
CA HIS A 121 8.52 15.17 -7.74
C HIS A 121 8.79 14.40 -9.02
N LYS A 122 9.60 14.97 -9.92
CA LYS A 122 9.91 14.33 -11.21
C LYS A 122 10.44 12.91 -11.09
N LYS A 123 11.20 12.63 -10.03
CA LYS A 123 11.76 11.31 -9.86
C LYS A 123 10.81 10.29 -9.25
N LEU A 124 9.59 10.69 -8.93
CA LEU A 124 8.64 9.75 -8.34
C LEU A 124 7.39 9.54 -9.18
N ARG A 125 7.48 9.85 -10.45
CA ARG A 125 6.32 9.69 -11.32
C ARG A 125 6.12 8.28 -11.85
N ASN A 126 4.91 8.01 -12.33
CA ASN A 126 4.56 6.72 -12.88
C ASN A 126 4.57 5.61 -11.81
N LYS A 127 4.36 5.99 -10.56
CA LYS A 127 4.31 5.03 -9.46
C LYS A 127 2.87 5.02 -8.95
N ARG A 128 2.01 5.70 -9.72
CA ARG A 128 0.59 5.83 -9.43
C ARG A 128 0.29 6.44 -8.06
N LEU A 129 1.05 7.46 -7.70
CA LEU A 129 0.83 8.14 -6.44
C LEU A 129 -0.29 9.17 -6.61
N ALA A 130 -0.39 9.74 -7.81
CA ALA A 130 -1.41 10.74 -8.09
C ALA A 130 -2.83 10.31 -7.71
N PRO A 131 -3.26 9.12 -8.16
CA PRO A 131 -4.62 8.69 -7.82
C PRO A 131 -4.88 8.70 -6.32
N VAL A 132 -3.84 8.43 -5.53
CA VAL A 132 -3.98 8.39 -4.09
C VAL A 132 -4.17 9.79 -3.52
N LEU A 133 -3.40 10.75 -4.03
CA LEU A 133 -3.51 12.13 -3.58
C LEU A 133 -4.93 12.64 -3.86
N ILE A 134 -5.42 12.33 -5.05
CA ILE A 134 -6.74 12.75 -5.45
C ILE A 134 -7.82 12.15 -4.55
N LYS A 135 -7.70 10.86 -4.24
CA LYS A 135 -8.67 10.20 -3.39
C LYS A 135 -8.60 10.73 -1.96
N GLU A 136 -7.40 11.08 -1.50
CA GLU A 136 -7.24 11.59 -0.15
C GLU A 136 -7.82 13.00 0.02
N ILE A 137 -7.61 13.87 -0.97
CA ILE A 137 -8.16 15.21 -0.87
C ILE A 137 -9.68 15.11 -0.98
N THR A 138 -10.16 14.13 -1.74
CA THR A 138 -11.60 13.91 -1.90
C THR A 138 -12.17 13.53 -0.54
N ARG A 139 -11.47 12.63 0.14
CA ARG A 139 -11.88 12.18 1.47
C ARG A 139 -11.99 13.37 2.41
N ARG A 140 -10.92 14.16 2.50
CA ARG A 140 -10.87 15.33 3.37
C ARG A 140 -11.93 16.40 3.03
N VAL A 141 -12.30 16.52 1.77
CA VAL A 141 -13.30 17.52 1.41
C VAL A 141 -14.68 16.95 1.75
N ASN A 142 -14.94 15.70 1.36
CA ASN A 142 -16.22 15.07 1.68
C ASN A 142 -16.48 15.11 3.19
N LYS A 143 -15.42 15.07 3.99
CA LYS A 143 -15.57 15.12 5.44
C LYS A 143 -16.18 16.44 5.90
N GLN A 144 -16.09 17.47 5.07
CA GLN A 144 -16.66 18.78 5.41
C GLN A 144 -18.00 18.97 4.70
N ASN A 145 -18.59 17.86 4.26
CA ASN A 145 -19.88 17.86 3.60
C ASN A 145 -19.95 18.62 2.26
N ILE A 146 -18.89 18.48 1.47
CA ILE A 146 -18.82 19.11 0.15
C ILE A 146 -18.63 17.95 -0.82
N TRP A 147 -19.45 17.88 -1.86
CA TRP A 147 -19.41 16.76 -2.78
C TRP A 147 -19.13 17.07 -4.24
N GLN A 148 -18.95 18.35 -4.57
CA GLN A 148 -18.63 18.75 -5.93
C GLN A 148 -17.29 19.48 -5.88
N ALA A 149 -16.62 19.55 -7.02
CA ALA A 149 -15.35 20.25 -7.11
C ALA A 149 -15.20 20.81 -8.51
N LEU A 150 -14.40 21.86 -8.63
CA LEU A 150 -14.14 22.50 -9.90
C LEU A 150 -12.62 22.50 -10.09
N TYR A 151 -12.17 22.12 -11.28
CA TYR A 151 -10.74 22.10 -11.56
C TYR A 151 -10.48 22.12 -13.06
N THR A 152 -9.24 22.45 -13.41
CA THR A 152 -8.85 22.49 -14.80
C THR A 152 -7.69 21.51 -14.99
N GLY A 153 -7.38 21.20 -16.24
CA GLY A 153 -6.31 20.28 -16.52
C GLY A 153 -6.11 20.06 -18.01
N GLY A 154 -5.24 19.11 -18.34
CA GLY A 154 -4.97 18.79 -19.73
C GLY A 154 -6.03 17.85 -20.25
N SER A 155 -5.91 17.45 -21.51
CA SER A 155 -6.86 16.55 -22.13
C SER A 155 -6.98 15.23 -21.38
N ILE A 156 -5.93 14.87 -20.64
CA ILE A 156 -5.91 13.62 -19.90
C ILE A 156 -6.94 13.58 -18.77
N LEU A 157 -8.19 13.30 -19.15
CA LEU A 157 -9.31 13.22 -18.21
C LEU A 157 -10.61 13.14 -19.03
N PRO A 158 -11.61 12.38 -18.55
CA PRO A 158 -12.87 12.24 -19.28
C PRO A 158 -13.98 13.29 -19.06
N THR A 159 -14.75 13.54 -20.11
CA THR A 159 -15.89 14.46 -20.16
C THR A 159 -15.74 15.84 -19.50
N PRO A 160 -15.12 16.80 -20.20
CA PRO A 160 -14.96 18.16 -19.67
C PRO A 160 -16.16 19.04 -20.00
N LEU A 161 -16.33 20.12 -19.26
CA LEU A 161 -17.44 21.05 -19.51
C LEU A 161 -17.24 21.62 -20.91
N THR A 162 -15.98 21.94 -21.22
CA THR A 162 -15.62 22.50 -22.51
C THR A 162 -14.10 22.65 -22.54
N THR A 163 -13.59 23.10 -23.67
CA THR A 163 -12.16 23.30 -23.84
C THR A 163 -11.93 24.71 -24.35
N CYS A 164 -11.03 25.44 -23.70
CA CYS A 164 -10.69 26.80 -24.11
C CYS A 164 -9.25 26.81 -24.60
N ARG A 165 -8.90 27.81 -25.39
CA ARG A 165 -7.55 27.93 -25.93
C ARG A 165 -6.86 29.17 -25.34
N TYR A 166 -5.56 29.06 -25.07
CA TYR A 166 -4.78 30.19 -24.55
C TYR A 166 -4.51 31.15 -25.69
N GLN A 167 -4.43 32.43 -25.34
CA GLN A 167 -4.17 33.52 -26.28
C GLN A 167 -3.02 34.33 -25.71
N HIS A 168 -2.17 34.87 -26.58
CA HIS A 168 -1.01 35.64 -26.14
C HIS A 168 -0.88 36.98 -26.84
N ARG A 169 -0.66 38.03 -26.06
CA ARG A 169 -0.50 39.38 -26.61
C ARG A 169 0.86 39.92 -26.18
N PRO A 170 1.85 39.84 -27.08
CA PRO A 170 3.21 40.31 -26.81
C PRO A 170 3.31 41.79 -26.42
N ILE A 171 4.09 42.06 -25.39
CA ILE A 171 4.32 43.42 -24.92
C ILE A 171 5.77 43.76 -25.27
N ASN A 172 6.65 42.80 -25.02
CA ASN A 172 8.06 42.96 -25.30
C ASN A 172 8.44 41.82 -26.26
N TRP A 173 8.00 41.94 -27.51
CA TRP A 173 8.24 40.92 -28.51
C TRP A 173 9.69 40.44 -28.61
N SER A 174 10.63 41.36 -28.59
CA SER A 174 12.04 41.03 -28.71
C SER A 174 12.52 39.97 -27.72
N LYS A 175 12.12 40.11 -26.46
CA LYS A 175 12.50 39.16 -25.42
C LYS A 175 11.83 37.82 -25.66
N LEU A 176 10.59 37.86 -26.14
CA LEU A 176 9.84 36.65 -26.44
C LEU A 176 10.54 35.87 -27.54
N HIS A 177 11.06 36.58 -28.53
CA HIS A 177 11.77 35.92 -29.62
C HIS A 177 13.05 35.31 -29.05
N ASP A 178 13.79 36.11 -28.30
CA ASP A 178 15.05 35.66 -27.71
C ASP A 178 14.98 34.36 -26.92
N VAL A 179 13.84 34.07 -26.30
CA VAL A 179 13.74 32.85 -25.51
C VAL A 179 12.97 31.73 -26.19
N GLY A 180 12.53 31.96 -27.41
CA GLY A 180 11.79 30.94 -28.13
C GLY A 180 10.31 30.85 -27.82
N PHE A 181 9.75 31.89 -27.22
CA PHE A 181 8.32 31.89 -26.92
C PHE A 181 7.54 32.17 -28.20
N SER A 182 8.12 33.00 -29.08
CA SER A 182 7.50 33.34 -30.35
C SER A 182 8.53 33.26 -31.47
N HIS A 183 8.08 33.00 -32.68
CA HIS A 183 8.99 32.92 -33.81
C HIS A 183 8.71 34.03 -34.80
N LEU A 184 9.70 34.33 -35.64
CA LEU A 184 9.56 35.39 -36.63
C LEU A 184 8.81 34.89 -37.87
N PRO A 185 7.68 35.52 -38.21
CA PRO A 185 6.92 35.10 -39.39
C PRO A 185 7.75 35.34 -40.64
N PRO A 186 7.44 34.66 -41.75
CA PRO A 186 8.22 34.86 -42.98
C PRO A 186 8.04 36.25 -43.57
N ASN A 187 9.13 36.76 -44.17
CA ASN A 187 9.15 38.09 -44.79
C ASN A 187 8.94 39.20 -43.79
N GLN A 188 9.13 38.88 -42.53
CA GLN A 188 8.95 39.85 -41.47
C GLN A 188 10.30 40.02 -40.76
N THR A 189 10.52 41.19 -40.17
CA THR A 189 11.78 41.44 -39.48
C THR A 189 11.56 41.74 -38.00
N LYS A 190 12.62 41.60 -37.20
CA LYS A 190 12.54 41.86 -35.77
C LYS A 190 11.99 43.26 -35.50
N SER A 191 12.36 44.22 -36.34
CA SER A 191 11.88 45.58 -36.13
C SER A 191 10.43 45.78 -36.58
N SER A 192 10.00 45.07 -37.62
CA SER A 192 8.62 45.23 -38.05
C SER A 192 7.68 44.64 -37.02
N MET A 193 8.13 43.59 -36.34
CA MET A 193 7.31 42.95 -35.30
C MET A 193 7.23 43.87 -34.08
N VAL A 194 8.37 44.36 -33.62
CA VAL A 194 8.42 45.27 -32.47
C VAL A 194 7.52 46.48 -32.72
N ALA A 195 7.56 46.99 -33.94
CA ALA A 195 6.75 48.15 -34.29
C ALA A 195 5.26 47.80 -34.30
N SER A 196 4.91 46.59 -34.73
CA SER A 196 3.50 46.22 -34.80
C SER A 196 2.85 45.99 -33.43
N TYR A 197 3.66 45.67 -32.42
CA TYR A 197 3.13 45.42 -31.08
C TYR A 197 3.24 46.60 -30.12
N THR A 198 3.99 47.62 -30.51
CA THR A 198 4.21 48.80 -29.68
C THR A 198 2.91 49.41 -29.17
N LEU A 199 2.95 49.87 -27.92
CA LEU A 199 1.80 50.49 -27.28
C LEU A 199 2.27 51.72 -26.53
N PRO A 200 1.32 52.62 -26.18
CA PRO A 200 1.69 53.84 -25.43
C PRO A 200 2.18 53.43 -24.05
N ASN A 201 2.86 54.33 -23.35
CA ASN A 201 3.37 54.02 -22.02
C ASN A 201 2.44 54.45 -20.89
N ASN A 202 1.35 55.13 -21.23
CA ASN A 202 0.37 55.57 -20.26
C ASN A 202 -1.03 55.19 -20.74
N PRO A 203 -1.93 54.82 -19.82
CA PRO A 203 -3.29 54.45 -20.24
C PRO A 203 -4.05 55.62 -20.87
N LYS A 204 -4.99 55.30 -21.75
CA LYS A 204 -5.75 56.31 -22.46
C LYS A 204 -7.10 56.71 -21.88
N LEU A 205 -7.78 55.78 -21.20
CA LEU A 205 -9.10 56.06 -20.64
C LEU A 205 -9.14 57.04 -19.47
N LYS A 206 -10.10 57.98 -19.54
CA LYS A 206 -10.28 58.97 -18.49
C LYS A 206 -11.09 58.29 -17.39
N GLY A 207 -10.70 58.52 -16.15
CA GLY A 207 -11.42 57.90 -15.05
C GLY A 207 -10.75 56.63 -14.55
N LEU A 208 -9.78 56.11 -15.31
CA LEU A 208 -9.09 54.89 -14.91
C LEU A 208 -8.20 55.15 -13.69
N ARG A 209 -8.36 54.33 -12.66
CA ARG A 209 -7.57 54.44 -11.43
C ARG A 209 -7.53 53.08 -10.73
N PRO A 210 -6.54 52.86 -9.86
CA PRO A 210 -6.49 51.57 -9.18
C PRO A 210 -7.72 51.39 -8.32
N MET A 211 -8.20 50.15 -8.22
CA MET A 211 -9.37 49.88 -7.41
C MET A 211 -8.96 49.95 -5.94
N THR A 212 -9.89 50.32 -5.06
CA THR A 212 -9.60 50.41 -3.63
C THR A 212 -10.67 49.68 -2.84
N GLY A 213 -10.46 49.54 -1.54
CA GLY A 213 -11.42 48.85 -0.70
C GLY A 213 -12.81 49.48 -0.72
N LYS A 214 -12.88 50.77 -1.03
CA LYS A 214 -14.17 51.47 -1.06
C LYS A 214 -15.02 51.05 -2.25
N ASP A 215 -14.37 50.51 -3.28
CA ASP A 215 -15.06 50.11 -4.50
C ASP A 215 -15.62 48.71 -4.54
N VAL A 216 -15.25 47.87 -3.57
CA VAL A 216 -15.70 46.49 -3.58
C VAL A 216 -17.18 46.24 -3.84
N SER A 217 -18.04 46.79 -2.98
CA SER A 217 -19.47 46.59 -3.14
C SER A 217 -20.03 47.03 -4.48
N THR A 218 -19.53 48.14 -5.00
CA THR A 218 -20.02 48.65 -6.29
C THR A 218 -19.48 47.83 -7.46
N VAL A 219 -18.23 47.42 -7.37
CA VAL A 219 -17.64 46.62 -8.43
C VAL A 219 -18.31 45.25 -8.46
N LEU A 220 -18.63 44.71 -7.30
CA LEU A 220 -19.29 43.41 -7.24
C LEU A 220 -20.68 43.44 -7.90
N SER A 221 -21.45 44.50 -7.65
CA SER A 221 -22.78 44.61 -8.24
C SER A 221 -22.64 44.65 -9.74
N LEU A 222 -21.64 45.39 -10.21
CA LEU A 222 -21.37 45.52 -11.64
C LEU A 222 -21.00 44.17 -12.25
N LEU A 223 -20.12 43.43 -11.56
CA LEU A 223 -19.72 42.11 -12.06
C LEU A 223 -20.90 41.13 -12.09
N TYR A 224 -21.70 41.11 -11.02
CA TYR A 224 -22.86 40.22 -10.96
C TYR A 224 -23.83 40.48 -12.11
N LYS A 225 -24.06 41.75 -12.41
CA LYS A 225 -24.96 42.11 -13.49
C LYS A 225 -24.38 41.62 -14.81
N TYR A 226 -23.11 41.90 -15.02
CA TYR A 226 -22.41 41.49 -16.24
C TYR A 226 -22.33 39.97 -16.41
N GLN A 227 -22.08 39.25 -15.32
CA GLN A 227 -21.94 37.78 -15.32
C GLN A 227 -23.11 36.92 -15.81
N GLU A 228 -24.32 37.47 -15.80
CA GLU A 228 -25.52 36.73 -16.20
C GLU A 228 -25.38 36.08 -17.57
N ARG A 229 -24.61 36.71 -18.46
CA ARG A 229 -24.41 36.20 -19.81
C ARG A 229 -23.77 34.81 -19.91
N PHE A 230 -23.01 34.40 -18.90
CA PHE A 230 -22.34 33.11 -18.94
C PHE A 230 -23.12 31.97 -18.30
N ASP A 231 -22.65 30.73 -18.51
CA ASP A 231 -23.30 29.53 -17.97
C ASP A 231 -22.86 29.17 -16.55
N ILE A 232 -21.57 29.27 -16.29
CA ILE A 232 -21.04 28.95 -14.96
C ILE A 232 -20.28 30.18 -14.48
N VAL A 233 -20.57 30.57 -13.26
CA VAL A 233 -19.99 31.78 -12.71
C VAL A 233 -19.62 31.63 -11.25
N GLN A 234 -18.72 32.49 -10.78
CA GLN A 234 -18.28 32.46 -9.39
C GLN A 234 -19.01 33.54 -8.58
N LEU A 235 -19.37 33.22 -7.34
CA LEU A 235 -20.04 34.17 -6.47
C LEU A 235 -19.12 34.48 -5.29
N PHE A 236 -19.24 35.67 -4.73
CA PHE A 236 -18.37 36.08 -3.63
C PHE A 236 -19.12 36.81 -2.52
N THR A 237 -18.59 36.73 -1.31
CA THR A 237 -19.13 37.50 -0.20
C THR A 237 -18.30 38.76 -0.41
N GLU A 238 -18.62 39.86 0.27
CA GLU A 238 -17.82 41.06 0.07
C GLU A 238 -16.36 40.86 0.45
N GLU A 239 -16.10 40.11 1.52
CA GLU A 239 -14.72 39.88 1.94
C GLU A 239 -13.97 38.96 0.97
N GLU A 240 -14.68 38.02 0.35
CA GLU A 240 -14.03 37.14 -0.61
C GLU A 240 -13.54 37.95 -1.81
N PHE A 241 -14.44 38.76 -2.37
CA PHE A 241 -14.13 39.60 -3.52
C PHE A 241 -13.00 40.58 -3.18
N LYS A 242 -12.99 41.07 -1.95
CA LYS A 242 -11.94 41.99 -1.54
C LYS A 242 -10.61 41.25 -1.62
N HIS A 243 -10.59 40.03 -1.08
CA HIS A 243 -9.41 39.21 -1.09
C HIS A 243 -8.90 38.97 -2.51
N TRP A 244 -9.77 38.48 -3.37
CA TRP A 244 -9.39 38.16 -4.75
C TRP A 244 -9.01 39.36 -5.61
N MET A 245 -9.65 40.50 -5.38
CA MET A 245 -9.34 41.70 -6.17
C MET A 245 -8.21 42.55 -5.59
N LEU A 246 -8.08 42.57 -4.27
CA LEU A 246 -7.05 43.39 -3.64
C LEU A 246 -6.00 42.64 -2.83
N GLY A 247 -6.26 41.37 -2.52
CA GLY A 247 -5.31 40.59 -1.74
C GLY A 247 -5.52 40.85 -0.26
N HIS A 248 -4.70 40.23 0.60
CA HIS A 248 -4.81 40.47 2.03
C HIS A 248 -4.35 41.91 2.25
N ASP A 249 -5.31 42.83 2.17
CA ASP A 249 -5.06 44.27 2.28
C ASP A 249 -4.37 44.76 3.54
N GLU A 250 -3.09 44.39 3.69
CA GLU A 250 -2.30 44.82 4.83
C GLU A 250 -2.06 46.29 4.54
N ASN A 251 -0.86 46.61 4.06
CA ASN A 251 -0.52 47.98 3.70
C ASN A 251 -0.92 48.09 2.24
N SER A 252 -1.78 47.16 1.82
CA SER A 252 -2.26 47.11 0.45
C SER A 252 -1.09 46.86 -0.48
N ASP A 253 -1.30 47.13 -1.77
CA ASP A 253 -0.28 46.95 -2.78
C ASP A 253 0.13 45.50 -2.96
N SER A 254 -0.79 44.69 -3.44
CA SER A 254 -0.54 43.28 -3.70
C SER A 254 0.39 43.24 -4.90
N ASN A 255 1.38 42.36 -4.86
CA ASN A 255 2.27 42.27 -6.00
C ASN A 255 1.84 41.16 -6.94
N VAL A 256 0.72 40.50 -6.65
CA VAL A 256 0.28 39.44 -7.53
C VAL A 256 -1.01 39.72 -8.28
N VAL A 257 -1.93 40.48 -7.68
CA VAL A 257 -3.17 40.81 -8.38
C VAL A 257 -3.31 42.32 -8.52
N LYS A 258 -3.67 42.75 -9.73
CA LYS A 258 -3.82 44.16 -10.05
C LYS A 258 -5.25 44.44 -10.52
N SER A 259 -5.92 45.35 -9.82
CA SER A 259 -7.30 45.73 -10.13
C SER A 259 -7.48 47.21 -10.47
N TYR A 260 -8.25 47.45 -11.52
CA TYR A 260 -8.50 48.82 -11.98
C TYR A 260 -9.98 49.07 -12.21
N VAL A 261 -10.39 50.32 -11.99
CA VAL A 261 -11.76 50.70 -12.18
C VAL A 261 -11.81 51.97 -13.04
N VAL A 262 -12.92 52.16 -13.72
CA VAL A 262 -13.12 53.34 -14.54
C VAL A 262 -14.39 54.02 -14.04
N GLU A 263 -14.23 55.19 -13.42
CA GLU A 263 -15.40 55.92 -12.93
C GLU A 263 -15.55 57.21 -13.74
N ASP A 264 -16.79 57.55 -14.09
CA ASP A 264 -17.04 58.76 -14.88
C ASP A 264 -17.08 60.06 -14.09
N GLU A 265 -17.53 61.12 -14.76
CA GLU A 265 -17.63 62.47 -14.18
C GLU A 265 -18.41 62.46 -12.89
N ASN A 266 -19.58 61.82 -12.92
CA ASN A 266 -20.45 61.76 -11.75
C ASN A 266 -19.92 60.81 -10.68
N GLY A 267 -18.74 60.24 -10.90
CA GLY A 267 -18.18 59.32 -9.94
C GLY A 267 -18.82 57.93 -9.97
N ILE A 268 -19.44 57.58 -11.08
CA ILE A 268 -20.07 56.27 -11.21
C ILE A 268 -19.06 55.31 -11.87
N ILE A 269 -19.02 54.07 -11.38
CA ILE A 269 -18.12 53.07 -11.92
C ILE A 269 -18.80 52.35 -13.08
N THR A 270 -18.26 52.51 -14.27
CA THR A 270 -18.85 51.90 -15.46
C THR A 270 -18.12 50.68 -16.01
N ASP A 271 -16.84 50.55 -15.68
CA ASP A 271 -16.04 49.42 -16.14
C ASP A 271 -14.95 49.08 -15.13
N TYR A 272 -14.45 47.86 -15.22
CA TYR A 272 -13.37 47.40 -14.35
C TYR A 272 -12.72 46.17 -14.96
N PHE A 273 -11.47 45.93 -14.57
CA PHE A 273 -10.75 44.76 -15.03
C PHE A 273 -9.68 44.41 -14.00
N SER A 274 -9.25 43.15 -14.03
CA SER A 274 -8.22 42.69 -13.11
C SER A 274 -7.40 41.60 -13.80
N TYR A 275 -6.17 41.43 -13.35
CA TYR A 275 -5.29 40.41 -13.89
C TYR A 275 -4.23 40.05 -12.86
N TYR A 276 -3.74 38.81 -12.89
CA TYR A 276 -2.72 38.41 -11.93
C TYR A 276 -1.40 38.10 -12.63
N LEU A 277 -0.31 38.25 -11.88
CA LEU A 277 1.03 38.03 -12.38
C LEU A 277 1.55 36.66 -11.97
N LEU A 278 1.86 35.86 -12.98
CA LEU A 278 2.36 34.51 -12.78
C LEU A 278 3.41 34.28 -13.86
N PRO A 279 4.67 34.51 -13.54
CA PRO A 279 5.71 34.31 -14.56
C PRO A 279 6.06 32.89 -14.96
N PHE A 280 6.90 32.81 -15.99
CA PHE A 280 7.40 31.56 -16.53
C PHE A 280 8.90 31.54 -16.23
N THR A 281 9.40 30.40 -15.78
CA THR A 281 10.82 30.26 -15.55
C THR A 281 11.34 29.83 -16.92
N VAL A 282 12.45 30.41 -17.38
CA VAL A 282 13.00 30.03 -18.67
C VAL A 282 14.06 28.98 -18.36
N LEU A 283 13.76 27.73 -18.69
CA LEU A 283 14.65 26.62 -18.37
C LEU A 283 16.11 26.69 -18.84
N ASP A 284 16.33 26.86 -20.13
CA ASP A 284 17.70 26.92 -20.61
C ASP A 284 17.95 28.12 -21.52
N ASN A 285 18.42 29.21 -20.91
CA ASN A 285 18.71 30.42 -21.66
C ASN A 285 19.78 31.22 -20.91
N ALA A 286 20.83 31.62 -21.62
CA ALA A 286 21.94 32.35 -21.02
C ALA A 286 21.79 33.87 -21.00
N GLN A 287 20.66 34.39 -21.45
CA GLN A 287 20.48 35.85 -21.42
C GLN A 287 19.29 36.25 -20.55
N HIS A 288 18.30 35.38 -20.44
CA HIS A 288 17.13 35.65 -19.61
C HIS A 288 16.81 34.41 -18.76
N ASP A 289 16.30 34.61 -17.56
CA ASP A 289 15.98 33.47 -16.70
C ASP A 289 14.51 33.47 -16.32
N GLU A 290 13.81 34.54 -16.68
CA GLU A 290 12.41 34.68 -16.35
C GLU A 290 11.63 35.48 -17.39
N LEU A 291 10.38 35.10 -17.62
CA LEU A 291 9.50 35.79 -18.56
C LEU A 291 8.33 36.35 -17.73
N GLY A 292 8.15 37.67 -17.76
CA GLY A 292 7.06 38.28 -17.02
C GLY A 292 5.73 38.03 -17.70
N ILE A 293 4.74 37.53 -16.98
CA ILE A 293 3.46 37.21 -17.59
C ILE A 293 2.23 37.61 -16.79
N ALA A 294 1.24 38.19 -17.48
CA ALA A 294 0.00 38.58 -16.83
C ALA A 294 -1.13 37.73 -17.40
N TYR A 295 -2.11 37.39 -16.58
CA TYR A 295 -3.26 36.61 -17.01
C TYR A 295 -4.53 37.40 -16.71
N LEU A 296 -5.37 37.64 -17.72
CA LEU A 296 -6.61 38.37 -17.49
C LEU A 296 -7.45 37.57 -16.48
N PHE A 297 -8.01 38.27 -15.50
CA PHE A 297 -8.79 37.65 -14.43
C PHE A 297 -10.29 37.98 -14.66
N TYR A 298 -10.91 38.68 -13.72
CA TYR A 298 -12.31 39.04 -13.88
C TYR A 298 -12.44 40.49 -14.35
N TYR A 299 -13.45 40.75 -15.19
CA TYR A 299 -13.70 42.08 -15.71
C TYR A 299 -15.19 42.31 -15.98
N ALA A 300 -15.57 43.56 -16.18
CA ALA A 300 -16.96 43.90 -16.45
C ALA A 300 -17.11 45.29 -17.04
N SER A 301 -18.23 45.50 -17.75
CA SER A 301 -18.56 46.79 -18.38
C SER A 301 -20.09 46.93 -18.39
N ASP A 302 -20.59 48.14 -18.17
CA ASP A 302 -22.04 48.36 -18.17
C ASP A 302 -22.58 48.65 -19.57
N SER A 303 -21.69 48.54 -20.57
CA SER A 303 -22.06 48.80 -21.96
C SER A 303 -22.40 47.52 -22.72
N PHE A 304 -22.44 46.39 -22.02
CA PHE A 304 -22.75 45.14 -22.69
C PHE A 304 -24.13 45.18 -23.32
N GLU A 305 -24.94 46.11 -22.85
CA GLU A 305 -26.31 46.30 -23.32
C GLU A 305 -26.38 47.28 -24.50
N LYS A 306 -25.36 48.12 -24.63
CA LYS A 306 -25.32 49.13 -25.69
C LYS A 306 -24.59 48.65 -26.94
N PRO A 307 -24.77 49.39 -28.07
CA PRO A 307 -24.12 49.03 -29.34
C PRO A 307 -22.63 49.33 -29.46
N ASN A 308 -22.07 50.07 -28.51
CA ASN A 308 -20.64 50.38 -28.55
C ASN A 308 -19.84 49.37 -27.73
N TYR A 309 -20.50 48.29 -27.30
CA TYR A 309 -19.90 47.24 -26.49
C TYR A 309 -18.51 46.78 -26.94
N LYS A 310 -18.45 46.13 -28.09
CA LYS A 310 -17.19 45.62 -28.59
C LYS A 310 -16.11 46.68 -28.62
N LYS A 311 -16.48 47.90 -28.99
CA LYS A 311 -15.51 48.97 -29.05
C LYS A 311 -14.98 49.30 -27.65
N ARG A 312 -15.89 49.48 -26.70
CA ARG A 312 -15.51 49.80 -25.34
C ARG A 312 -14.67 48.69 -24.71
N LEU A 313 -15.00 47.45 -25.03
CA LEU A 313 -14.27 46.32 -24.49
C LEU A 313 -12.84 46.32 -25.01
N ASN A 314 -12.65 46.70 -26.26
CA ASN A 314 -11.33 46.75 -26.85
C ASN A 314 -10.49 47.84 -26.21
N GLU A 315 -11.11 48.97 -25.92
CA GLU A 315 -10.41 50.09 -25.29
C GLU A 315 -10.02 49.68 -23.88
N LEU A 316 -10.93 49.01 -23.20
CA LEU A 316 -10.69 48.58 -21.83
C LEU A 316 -9.49 47.63 -21.75
N ILE A 317 -9.45 46.61 -22.60
CA ILE A 317 -8.34 45.66 -22.57
C ILE A 317 -7.03 46.31 -22.99
N THR A 318 -7.13 47.28 -23.90
CA THR A 318 -5.95 47.98 -24.38
C THR A 318 -5.27 48.73 -23.23
N ASP A 319 -6.06 49.31 -22.34
CA ASP A 319 -5.52 50.03 -21.19
C ASP A 319 -4.95 49.03 -20.19
N ALA A 320 -5.53 47.83 -20.14
CA ALA A 320 -5.02 46.80 -19.25
C ALA A 320 -3.62 46.43 -19.74
N LEU A 321 -3.48 46.24 -21.05
CA LEU A 321 -2.19 45.90 -21.65
C LEU A 321 -1.19 46.99 -21.34
N ILE A 322 -1.63 48.23 -21.43
CA ILE A 322 -0.75 49.37 -21.17
C ILE A 322 -0.29 49.40 -19.72
N THR A 323 -1.19 49.19 -18.77
CA THR A 323 -0.82 49.21 -17.35
C THR A 323 0.19 48.11 -16.99
N SER A 324 0.11 46.96 -17.64
CA SER A 324 1.00 45.85 -17.31
C SER A 324 2.46 46.14 -17.55
N LYS A 325 2.76 47.07 -18.44
CA LYS A 325 4.14 47.43 -18.73
C LYS A 325 4.84 47.94 -17.48
N LYS A 326 4.07 48.58 -16.61
CA LYS A 326 4.60 49.11 -15.35
C LYS A 326 5.15 48.00 -14.45
N PHE A 327 4.72 46.77 -14.70
CA PHE A 327 5.13 45.64 -13.87
C PHE A 327 6.01 44.60 -14.55
N GLY A 328 6.74 45.03 -15.57
CA GLY A 328 7.66 44.13 -16.26
C GLY A 328 7.02 42.98 -17.03
N VAL A 329 5.77 43.15 -17.46
CA VAL A 329 5.08 42.10 -18.20
C VAL A 329 5.57 42.05 -19.65
N ASP A 330 6.07 40.89 -20.07
CA ASP A 330 6.57 40.68 -21.41
C ASP A 330 5.49 40.18 -22.39
N VAL A 331 4.50 39.48 -21.85
CA VAL A 331 3.41 38.94 -22.65
C VAL A 331 2.17 38.88 -21.75
N PHE A 332 1.02 39.27 -22.29
CA PHE A 332 -0.24 39.30 -21.57
C PHE A 332 -1.10 38.14 -22.08
N ASN A 333 -1.56 37.27 -21.18
CA ASN A 333 -2.37 36.12 -21.57
C ASN A 333 -3.82 36.18 -21.13
N CYS A 334 -4.62 35.34 -21.76
CA CYS A 334 -6.03 35.18 -21.43
C CYS A 334 -6.47 33.90 -22.13
N LEU A 335 -7.71 33.49 -21.91
CA LEU A 335 -8.26 32.31 -22.56
C LEU A 335 -9.44 32.77 -23.41
N THR A 336 -10.00 31.85 -24.18
CA THR A 336 -11.12 32.17 -25.04
C THR A 336 -12.45 32.14 -24.26
N CYS A 337 -12.36 32.23 -22.94
CA CYS A 337 -13.55 32.20 -22.08
C CYS A 337 -14.21 33.59 -21.94
N GLN A 338 -15.32 33.66 -21.20
CA GLN A 338 -16.03 34.93 -21.02
C GLN A 338 -16.32 35.52 -22.40
N ASP A 339 -16.22 36.84 -22.53
CA ASP A 339 -16.44 37.48 -23.82
C ASP A 339 -15.10 37.89 -24.43
N ASN A 340 -14.05 37.14 -24.10
CA ASN A 340 -12.73 37.48 -24.60
C ASN A 340 -12.59 37.45 -26.13
N THR A 341 -13.36 36.61 -26.81
CA THR A 341 -13.28 36.53 -28.27
C THR A 341 -13.73 37.82 -28.96
N TYR A 342 -14.35 38.71 -28.18
CA TYR A 342 -14.81 39.99 -28.69
C TYR A 342 -13.66 40.97 -28.92
N PHE A 343 -12.55 40.80 -28.21
CA PHE A 343 -11.41 41.72 -28.37
C PHE A 343 -10.09 41.11 -28.82
N LEU A 344 -10.01 39.80 -28.89
CA LEU A 344 -8.76 39.14 -29.28
C LEU A 344 -8.10 39.65 -30.55
N LYS A 345 -8.87 39.76 -31.64
CA LYS A 345 -8.32 40.18 -32.92
C LYS A 345 -7.77 41.62 -32.97
N ASP A 346 -8.56 42.58 -32.51
CA ASP A 346 -8.15 43.97 -32.54
C ASP A 346 -7.06 44.35 -31.55
N CYS A 347 -6.97 43.62 -30.44
CA CYS A 347 -5.93 43.90 -29.44
C CYS A 347 -4.67 43.11 -29.74
N LYS A 348 -4.70 42.41 -30.85
CA LYS A 348 -3.58 41.63 -31.34
C LYS A 348 -3.14 40.42 -30.53
N PHE A 349 -4.11 39.71 -29.98
CA PHE A 349 -3.83 38.50 -29.22
C PHE A 349 -3.65 37.40 -30.27
N GLY A 350 -2.70 36.51 -30.06
CA GLY A 350 -2.47 35.42 -30.98
C GLY A 350 -2.78 34.11 -30.27
N SER A 351 -3.14 33.07 -31.02
CA SER A 351 -3.45 31.77 -30.43
C SER A 351 -2.18 31.04 -30.00
N GLY A 352 -2.22 30.39 -28.85
CA GLY A 352 -1.06 29.66 -28.39
C GLY A 352 -1.21 28.19 -28.71
N ASP A 353 -0.22 27.39 -28.36
CA ASP A 353 -0.30 25.96 -28.62
C ASP A 353 -0.92 25.20 -27.44
N GLY A 354 -1.37 25.92 -26.41
CA GLY A 354 -1.96 25.24 -25.26
C GLY A 354 -3.47 25.37 -25.13
N PHE A 355 -4.09 24.34 -24.56
CA PHE A 355 -5.54 24.33 -24.33
C PHE A 355 -5.81 24.07 -22.85
N LEU A 356 -7.02 24.39 -22.39
CA LEU A 356 -7.39 24.19 -21.00
C LEU A 356 -8.79 23.61 -20.92
N ASN A 357 -8.92 22.48 -20.23
CA ASN A 357 -10.21 21.83 -20.06
C ASN A 357 -10.76 22.16 -18.68
N TYR A 358 -12.08 22.26 -18.59
CA TYR A 358 -12.74 22.57 -17.34
C TYR A 358 -13.53 21.35 -16.92
N TYR A 359 -13.46 21.02 -15.64
CA TYR A 359 -14.15 19.85 -15.10
C TYR A 359 -14.95 20.15 -13.85
N LEU A 360 -16.01 19.37 -13.67
CA LEU A 360 -16.88 19.43 -12.51
C LEU A 360 -16.89 18.00 -12.00
N PHE A 361 -16.52 17.82 -10.74
CA PHE A 361 -16.51 16.48 -10.18
C PHE A 361 -17.86 16.21 -9.54
N ASN A 362 -18.45 15.08 -9.91
CA ASN A 362 -19.75 14.66 -9.39
C ASN A 362 -20.88 15.64 -9.66
N TYR A 363 -21.02 16.04 -10.91
CA TYR A 363 -22.11 16.92 -11.30
C TYR A 363 -22.13 17.02 -12.82
N ARG A 364 -23.23 16.56 -13.41
CA ARG A 364 -23.37 16.58 -14.85
C ARG A 364 -24.22 17.74 -15.30
N THR A 365 -23.84 18.36 -16.41
CA THR A 365 -24.59 19.48 -16.96
C THR A 365 -24.35 19.54 -18.46
N PHE A 366 -25.07 20.41 -19.16
CA PHE A 366 -24.92 20.54 -20.60
C PHE A 366 -23.53 21.09 -20.94
N PRO A 367 -22.93 20.61 -22.04
CA PRO A 367 -21.61 21.13 -22.39
C PRO A 367 -21.70 22.61 -22.75
N MET A 368 -20.58 23.32 -22.65
CA MET A 368 -20.56 24.74 -22.92
C MET A 368 -19.66 25.13 -24.07
N ASP A 369 -19.88 26.34 -24.58
CA ASP A 369 -19.09 26.88 -25.68
C ASP A 369 -17.75 27.34 -25.10
N GLY A 370 -16.65 26.89 -25.72
CA GLY A 370 -15.33 27.26 -25.23
C GLY A 370 -14.65 28.39 -25.99
N GLY A 371 -15.41 29.12 -26.80
CA GLY A 371 -14.84 30.22 -27.54
C GLY A 371 -14.11 29.81 -28.81
N ILE A 372 -13.98 28.49 -29.03
CA ILE A 372 -13.31 27.99 -30.21
C ILE A 372 -14.19 27.03 -31.00
N ASP A 373 -13.83 26.81 -32.26
CA ASP A 373 -14.58 25.90 -33.10
C ASP A 373 -14.34 24.49 -32.61
N LYS A 374 -15.42 23.81 -32.26
CA LYS A 374 -15.38 22.45 -31.75
C LYS A 374 -14.56 21.49 -32.61
N LYS A 375 -14.54 21.73 -33.92
CA LYS A 375 -13.83 20.86 -34.83
C LYS A 375 -12.39 21.24 -35.12
N THR A 376 -12.18 22.48 -35.55
CA THR A 376 -10.85 22.97 -35.89
C THR A 376 -10.06 23.59 -34.73
N LYS A 377 -10.69 23.73 -33.57
CA LYS A 377 -10.03 24.32 -32.41
C LYS A 377 -9.59 25.76 -32.64
N GLU A 378 -10.08 26.39 -33.70
CA GLU A 378 -9.72 27.77 -33.97
C GLU A 378 -10.69 28.73 -33.29
N VAL A 379 -10.20 29.91 -32.96
CA VAL A 379 -11.02 30.92 -32.30
C VAL A 379 -12.20 31.39 -33.15
N VAL A 380 -13.33 31.63 -32.49
CA VAL A 380 -14.54 32.10 -33.13
C VAL A 380 -14.82 33.50 -32.59
N GLU A 381 -14.68 34.51 -33.43
CA GLU A 381 -14.88 35.90 -33.05
C GLU A 381 -16.25 36.28 -32.48
N ASP A 382 -16.22 37.28 -31.60
CA ASP A 382 -17.41 37.82 -30.95
C ASP A 382 -18.38 36.75 -30.47
N GLN A 383 -17.84 35.79 -29.72
CA GLN A 383 -18.62 34.68 -29.20
C GLN A 383 -18.61 34.60 -27.68
N THR A 384 -19.77 34.77 -27.06
CA THR A 384 -19.85 34.67 -25.61
C THR A 384 -19.65 33.20 -25.25
N SER A 385 -18.63 32.94 -24.43
CA SER A 385 -18.33 31.58 -23.98
C SER A 385 -19.16 31.30 -22.75
N GLY A 386 -19.43 30.02 -22.49
CA GLY A 386 -20.22 29.67 -21.32
C GLY A 386 -19.41 29.81 -20.05
N ILE A 387 -18.09 29.74 -20.18
CA ILE A 387 -17.18 29.83 -19.04
C ILE A 387 -17.04 31.24 -18.49
N GLY A 388 -17.42 31.44 -17.24
CA GLY A 388 -17.34 32.75 -16.61
C GLY A 388 -16.47 32.71 -15.35
N VAL A 389 -15.76 31.61 -15.14
CA VAL A 389 -14.88 31.45 -13.99
C VAL A 389 -13.44 31.37 -14.49
N VAL A 390 -12.52 31.91 -13.71
CA VAL A 390 -11.09 31.90 -14.04
C VAL A 390 -10.40 31.27 -12.84
N LEU A 391 -9.53 30.29 -13.09
CA LEU A 391 -8.79 29.62 -12.02
C LEU A 391 -7.32 29.99 -12.05
N LEU A 392 -6.64 29.87 -10.92
CA LEU A 392 -5.24 30.24 -10.84
C LEU A 392 -4.22 29.18 -11.28
N GLU B 1 -29.11 15.94 -15.71
CA GLU B 1 -28.29 16.97 -15.00
C GLU B 1 -28.33 16.80 -13.49
N GLY B 2 -27.20 17.01 -12.83
CA GLY B 2 -27.12 16.88 -11.39
C GLY B 2 -26.03 15.93 -10.94
N PRO B 3 -25.93 15.66 -9.63
CA PRO B 3 -24.92 14.75 -9.08
C PRO B 3 -25.06 13.34 -9.67
N ILE B 4 -23.94 12.64 -9.82
CA ILE B 4 -23.95 11.30 -10.37
C ILE B 4 -23.65 10.21 -9.35
N ASP B 5 -22.89 10.52 -8.31
CA ASP B 5 -22.56 9.51 -7.30
C ASP B 5 -23.69 9.23 -6.32
N LYS B 6 -23.53 8.15 -5.59
CA LYS B 6 -24.50 7.74 -4.57
C LYS B 6 -24.49 8.84 -3.51
N LEU B 7 -25.67 9.21 -3.02
CA LEU B 7 -25.77 10.24 -1.99
C LEU B 7 -25.12 9.78 -0.69
N LYS B 8 -24.29 10.63 -0.11
CA LYS B 8 -23.59 10.30 1.13
C LYS B 8 -23.66 11.42 2.17
N THR B 9 -23.19 11.09 3.37
CA THR B 9 -23.10 12.04 4.47
C THR B 9 -21.67 11.89 4.97
N PRO B 10 -21.15 12.91 5.69
CA PRO B 10 -19.78 12.81 6.19
C PRO B 10 -19.49 11.52 6.94
N GLU B 11 -20.52 10.89 7.48
CA GLU B 11 -20.35 9.65 8.24
C GLU B 11 -19.94 8.46 7.38
N ASP B 12 -20.33 8.46 6.12
CA ASP B 12 -19.98 7.36 5.22
C ASP B 12 -18.56 7.48 4.70
N VAL B 13 -17.86 8.53 5.14
CA VAL B 13 -16.49 8.80 4.70
C VAL B 13 -15.49 8.37 5.76
N PRO B 14 -14.50 7.53 5.38
CA PRO B 14 -13.47 7.05 6.33
C PRO B 14 -12.78 8.19 7.06
N ASN B 15 -12.42 7.96 8.31
CA ASN B 15 -11.76 8.98 9.13
C ASN B 15 -10.25 8.88 9.06
N ASP B 16 -9.74 7.81 8.48
CA ASP B 16 -8.30 7.60 8.39
C ASP B 16 -7.72 7.90 7.02
N PRO B 17 -6.51 8.47 6.99
CA PRO B 17 -5.84 8.80 5.73
C PRO B 17 -5.60 7.51 4.94
N LEU B 18 -5.80 7.57 3.62
CA LEU B 18 -5.60 6.39 2.78
C LEU B 18 -4.17 5.85 2.84
N PRO B 19 -3.97 4.59 2.46
CA PRO B 19 -2.63 4.00 2.50
C PRO B 19 -1.79 4.55 1.36
N LEU B 20 -0.52 4.80 1.63
CA LEU B 20 0.38 5.33 0.61
C LEU B 20 0.97 4.18 -0.18
N ILE B 21 1.58 4.48 -1.32
CA ILE B 21 2.15 3.44 -2.18
C ILE B 21 3.23 2.61 -1.51
N SER B 22 3.35 1.38 -1.98
CA SER B 22 4.35 0.45 -1.47
C SER B 22 5.07 -0.19 -2.65
N ASP B 23 6.30 -0.64 -2.39
CA ASP B 23 7.11 -1.31 -3.41
C ASP B 23 6.71 -2.78 -3.50
N PHE B 24 5.91 -3.23 -2.53
CA PHE B 24 5.49 -4.61 -2.52
C PHE B 24 4.00 -4.79 -2.76
N GLU B 25 3.61 -6.02 -3.03
CA GLU B 25 2.20 -6.35 -3.22
C GLU B 25 1.92 -7.76 -2.73
N TRP B 26 0.68 -7.98 -2.31
CA TRP B 26 0.27 -9.28 -1.84
C TRP B 26 0.08 -10.19 -3.03
N SER B 27 0.47 -11.45 -2.87
CA SER B 27 0.29 -12.41 -3.94
C SER B 27 -0.06 -13.75 -3.30
N THR B 28 -1.25 -14.24 -3.60
CA THR B 28 -1.72 -15.51 -3.08
C THR B 28 -1.07 -16.61 -3.90
N LEU B 29 -0.40 -17.54 -3.24
CA LEU B 29 0.23 -18.62 -3.98
C LEU B 29 -0.72 -19.73 -4.32
N ASP B 30 -0.49 -20.30 -5.49
CA ASP B 30 -1.26 -21.43 -5.98
C ASP B 30 -0.19 -22.51 -6.05
N ILE B 31 -0.08 -23.31 -4.99
CA ILE B 31 0.94 -24.35 -4.97
C ILE B 31 0.65 -25.48 -5.95
N ASP B 32 -0.49 -25.41 -6.63
CA ASP B 32 -0.80 -26.43 -7.61
C ASP B 32 -0.18 -26.06 -8.95
N ASP B 33 0.33 -24.83 -9.02
CA ASP B 33 1.02 -24.35 -10.20
C ASP B 33 2.50 -24.68 -9.92
N ASN B 34 3.05 -25.62 -10.68
CA ASN B 34 4.44 -26.05 -10.49
C ASN B 34 5.48 -24.94 -10.43
N LEU B 35 5.27 -23.85 -11.17
CA LEU B 35 6.23 -22.76 -11.14
C LEU B 35 6.15 -22.03 -9.81
N GLN B 36 4.93 -21.85 -9.31
CA GLN B 36 4.78 -21.15 -8.04
C GLN B 36 5.29 -22.00 -6.88
N LEU B 37 5.10 -23.31 -6.95
CA LEU B 37 5.58 -24.20 -5.89
C LEU B 37 7.10 -24.10 -5.83
N ASP B 38 7.72 -24.00 -7.00
CA ASP B 38 9.18 -23.90 -7.07
C ASP B 38 9.69 -22.60 -6.43
N GLU B 39 8.98 -21.49 -6.65
CA GLU B 39 9.37 -20.22 -6.06
C GLU B 39 9.35 -20.30 -4.54
N LEU B 40 8.37 -21.01 -3.99
CA LEU B 40 8.28 -21.14 -2.54
C LEU B 40 9.47 -21.97 -2.04
N TYR B 41 9.78 -23.04 -2.76
CA TYR B 41 10.89 -23.90 -2.43
C TYR B 41 12.20 -23.11 -2.39
N LYS B 42 12.46 -22.36 -3.46
CA LYS B 42 13.70 -21.60 -3.52
C LYS B 42 13.77 -20.47 -2.52
N LEU B 43 12.63 -19.87 -2.17
CA LEU B 43 12.63 -18.81 -1.19
C LEU B 43 13.07 -19.42 0.15
N LEU B 44 12.43 -20.51 0.56
CA LEU B 44 12.77 -21.14 1.83
C LEU B 44 14.09 -21.93 1.86
N TYR B 45 14.53 -22.46 0.73
CA TYR B 45 15.81 -23.18 0.70
C TYR B 45 16.92 -22.23 1.13
N ASP B 46 16.87 -21.01 0.61
CA ASP B 46 17.88 -20.00 0.91
C ASP B 46 17.64 -19.14 2.13
N ASN B 47 16.39 -18.99 2.57
CA ASN B 47 16.14 -18.11 3.69
C ASN B 47 15.40 -18.62 4.91
N TYR B 48 15.24 -19.93 5.07
CA TYR B 48 14.49 -20.43 6.23
C TYR B 48 15.32 -20.69 7.49
N VAL B 49 14.66 -21.26 8.51
CA VAL B 49 15.25 -21.56 9.80
C VAL B 49 16.58 -22.31 9.80
N GLU B 50 17.52 -21.79 10.58
CA GLU B 50 18.84 -22.37 10.73
C GLU B 50 19.09 -22.63 12.20
N ASP B 51 20.12 -23.40 12.52
CA ASP B 51 20.44 -23.69 13.91
C ASP B 51 21.11 -22.44 14.48
N ILE B 52 21.42 -22.45 15.78
CA ILE B 52 22.06 -21.28 16.40
C ILE B 52 23.43 -20.90 15.81
N ASP B 53 24.19 -21.89 15.37
CA ASP B 53 25.53 -21.62 14.82
C ASP B 53 25.56 -21.49 13.30
N ALA B 54 24.39 -21.41 12.69
CA ALA B 54 24.25 -21.27 11.24
C ALA B 54 25.11 -22.25 10.43
N THR B 55 24.96 -23.54 10.72
CA THR B 55 25.71 -24.57 10.00
C THR B 55 24.73 -25.45 9.20
N PHE B 56 23.46 -25.46 9.64
CA PHE B 56 22.41 -26.23 8.98
C PHE B 56 21.17 -25.38 8.73
N ARG B 57 20.36 -25.78 7.75
CA ARG B 57 19.12 -25.08 7.44
C ARG B 57 18.08 -26.10 7.03
N PHE B 58 16.84 -25.93 7.51
CA PHE B 58 15.77 -26.85 7.18
C PHE B 58 15.61 -26.90 5.66
N LYS B 59 15.40 -28.10 5.14
CA LYS B 59 15.21 -28.26 3.70
C LYS B 59 13.87 -28.95 3.40
N TYR B 60 12.83 -28.14 3.24
CA TYR B 60 11.49 -28.62 2.93
C TYR B 60 11.37 -28.78 1.41
N SER B 61 11.12 -29.99 0.95
CA SER B 61 11.00 -30.27 -0.48
C SER B 61 9.63 -29.93 -1.06
N HIS B 62 9.56 -29.99 -2.39
CA HIS B 62 8.32 -29.72 -3.10
C HIS B 62 7.24 -30.69 -2.61
N GLU B 63 7.60 -31.96 -2.52
CA GLU B 63 6.65 -32.98 -2.05
C GLU B 63 6.20 -32.75 -0.62
N PHE B 64 7.09 -32.21 0.22
CA PHE B 64 6.72 -31.96 1.60
C PHE B 64 5.64 -30.87 1.62
N PHE B 65 5.87 -29.80 0.88
CA PHE B 65 4.89 -28.72 0.81
C PHE B 65 3.53 -29.22 0.32
N GLN B 66 3.52 -30.04 -0.72
CA GLN B 66 2.26 -30.56 -1.26
C GLN B 66 1.52 -31.38 -0.21
N TRP B 67 2.28 -32.04 0.65
CA TRP B 67 1.71 -32.84 1.72
C TRP B 67 1.24 -31.94 2.86
N ALA B 68 2.19 -31.20 3.43
CA ALA B 68 1.95 -30.31 4.56
C ALA B 68 0.94 -29.19 4.37
N LEU B 69 0.83 -28.66 3.15
CA LEU B 69 -0.08 -27.56 2.92
C LEU B 69 -1.41 -27.90 2.26
N LYS B 70 -1.66 -29.18 2.01
CA LYS B 70 -2.91 -29.55 1.37
C LYS B 70 -3.78 -30.60 2.05
N PRO B 71 -3.93 -30.54 3.38
CA PRO B 71 -4.78 -31.55 4.00
C PRO B 71 -6.24 -31.22 3.60
N PRO B 72 -7.16 -32.18 3.72
CA PRO B 72 -8.54 -31.87 3.35
C PRO B 72 -9.07 -30.61 4.00
N GLY B 73 -9.71 -29.77 3.18
CA GLY B 73 -10.26 -28.52 3.69
C GLY B 73 -9.30 -27.34 3.54
N TRP B 74 -8.13 -27.58 2.97
CA TRP B 74 -7.17 -26.51 2.80
C TRP B 74 -7.69 -25.38 1.91
N ARG B 75 -7.16 -24.18 2.11
CA ARG B 75 -7.54 -23.01 1.33
C ARG B 75 -6.34 -22.37 0.62
N LYS B 76 -6.53 -22.00 -0.63
CA LYS B 76 -5.47 -21.34 -1.40
C LYS B 76 -5.15 -19.98 -0.82
N ASP B 77 -6.18 -19.20 -0.45
CA ASP B 77 -5.95 -17.87 0.08
C ASP B 77 -5.28 -17.84 1.46
N TRP B 78 -4.95 -19.01 2.00
CA TRP B 78 -4.25 -19.09 3.29
C TRP B 78 -2.74 -19.26 3.09
N HIS B 79 -2.32 -19.21 1.83
CA HIS B 79 -0.91 -19.32 1.45
C HIS B 79 -0.56 -17.92 0.95
N VAL B 80 -0.16 -17.07 1.89
CA VAL B 80 0.13 -15.68 1.62
C VAL B 80 1.55 -15.30 1.26
N GLY B 81 1.74 -14.83 0.03
CA GLY B 81 3.05 -14.41 -0.41
C GLY B 81 3.13 -12.91 -0.58
N VAL B 82 4.35 -12.40 -0.67
CA VAL B 82 4.55 -10.97 -0.86
C VAL B 82 5.60 -10.85 -1.96
N ARG B 83 5.29 -10.07 -2.99
CA ARG B 83 6.23 -9.88 -4.09
C ARG B 83 6.65 -8.43 -4.25
N VAL B 84 7.76 -8.23 -4.95
CA VAL B 84 8.25 -6.88 -5.22
C VAL B 84 7.59 -6.50 -6.55
N LYS B 85 6.89 -5.37 -6.56
CA LYS B 85 6.19 -4.90 -7.75
C LYS B 85 7.01 -4.89 -9.04
N SER B 86 8.17 -4.25 -8.99
CA SER B 86 9.00 -4.12 -10.18
C SER B 86 9.52 -5.42 -10.81
N THR B 87 9.96 -6.35 -9.98
CA THR B 87 10.49 -7.61 -10.50
C THR B 87 9.51 -8.78 -10.45
N GLY B 88 8.61 -8.78 -9.48
CA GLY B 88 7.66 -9.87 -9.36
C GLY B 88 8.23 -11.03 -8.58
N LYS B 89 9.36 -10.81 -7.92
CA LYS B 89 9.99 -11.87 -7.13
C LYS B 89 9.34 -12.05 -5.78
N LEU B 90 9.12 -13.31 -5.42
CA LEU B 90 8.52 -13.67 -4.13
C LEU B 90 9.58 -13.45 -3.06
N VAL B 91 9.28 -12.59 -2.08
CA VAL B 91 10.26 -12.31 -1.03
C VAL B 91 9.80 -12.61 0.40
N ALA B 92 8.54 -13.00 0.57
CA ALA B 92 8.03 -13.31 1.90
C ALA B 92 6.86 -14.28 1.81
N PHE B 93 6.62 -15.00 2.89
CA PHE B 93 5.55 -15.99 2.90
C PHE B 93 5.11 -16.34 4.31
N ILE B 94 3.87 -16.80 4.43
CA ILE B 94 3.30 -17.26 5.70
C ILE B 94 2.12 -18.13 5.29
N ALA B 95 1.80 -19.15 6.08
CA ALA B 95 0.69 -20.03 5.74
C ALA B 95 -0.14 -20.49 6.94
N ALA B 96 -1.40 -20.79 6.67
CA ALA B 96 -2.30 -21.27 7.70
C ALA B 96 -2.88 -22.57 7.14
N THR B 97 -3.00 -23.57 8.01
CA THR B 97 -3.53 -24.85 7.63
C THR B 97 -4.60 -25.22 8.66
N PRO B 98 -5.70 -25.84 8.21
CA PRO B 98 -6.74 -26.20 9.19
C PRO B 98 -6.31 -27.31 10.15
N VAL B 99 -6.83 -27.25 11.36
CA VAL B 99 -6.54 -28.25 12.38
C VAL B 99 -7.63 -28.16 13.46
N THR B 100 -7.92 -29.30 14.08
CA THR B 100 -8.91 -29.35 15.15
C THR B 100 -8.16 -29.85 16.38
N PHE B 101 -8.18 -29.09 17.46
CA PHE B 101 -7.51 -29.57 18.65
C PHE B 101 -8.48 -29.63 19.81
N LYS B 102 -8.10 -30.38 20.83
CA LYS B 102 -8.94 -30.54 22.01
C LYS B 102 -8.14 -30.39 23.28
N LEU B 103 -8.74 -29.71 24.26
CA LEU B 103 -8.12 -29.54 25.57
C LEU B 103 -8.83 -30.58 26.42
N ASN B 104 -8.14 -31.67 26.74
CA ASN B 104 -8.75 -32.75 27.51
C ASN B 104 -9.27 -32.39 28.90
N LYS B 105 -8.57 -31.50 29.60
CA LYS B 105 -8.98 -31.08 30.95
C LYS B 105 -10.37 -30.45 30.94
N SER B 106 -10.61 -29.58 29.95
CA SER B 106 -11.87 -28.86 29.82
C SER B 106 -12.86 -29.50 28.85
N ASN B 107 -12.42 -30.56 28.19
CA ASN B 107 -13.26 -31.24 27.22
C ASN B 107 -13.77 -30.21 26.19
N LYS B 108 -12.89 -29.29 25.81
CA LYS B 108 -13.21 -28.26 24.84
C LYS B 108 -12.56 -28.56 23.49
N VAL B 109 -13.37 -28.63 22.44
CA VAL B 109 -12.87 -28.90 21.11
C VAL B 109 -12.88 -27.60 20.30
N ILE B 110 -11.78 -27.32 19.62
CA ILE B 110 -11.67 -26.09 18.85
C ILE B 110 -11.17 -26.25 17.41
N ASP B 111 -11.93 -25.75 16.46
CA ASP B 111 -11.53 -25.80 15.06
C ASP B 111 -10.66 -24.58 14.84
N SER B 112 -9.43 -24.77 14.38
CA SER B 112 -8.57 -23.62 14.16
C SER B 112 -7.53 -23.87 13.08
N VAL B 113 -6.39 -23.20 13.20
CA VAL B 113 -5.35 -23.34 12.20
C VAL B 113 -3.97 -23.42 12.81
N GLU B 114 -3.04 -23.93 12.04
CA GLU B 114 -1.65 -24.00 12.44
C GLU B 114 -0.98 -22.97 11.55
N ILE B 115 -0.19 -22.08 12.15
CA ILE B 115 0.52 -21.07 11.37
C ILE B 115 1.93 -21.62 11.21
N ASN B 116 2.45 -21.59 9.98
CA ASN B 116 3.77 -22.13 9.71
C ASN B 116 4.43 -21.48 8.50
N PHE B 117 5.73 -21.74 8.33
CA PHE B 117 6.49 -21.23 7.20
C PHE B 117 6.62 -19.71 7.07
N LEU B 118 6.63 -19.01 8.20
CA LEU B 118 6.80 -17.56 8.19
C LEU B 118 8.23 -17.31 7.72
N CYS B 119 8.39 -16.65 6.58
CA CYS B 119 9.71 -16.41 6.05
C CYS B 119 9.85 -15.14 5.20
N ILE B 120 10.88 -14.36 5.49
CA ILE B 120 11.19 -13.15 4.76
C ILE B 120 12.60 -13.30 4.21
N HIS B 121 12.81 -12.86 2.96
CA HIS B 121 14.11 -12.95 2.32
C HIS B 121 15.15 -12.19 3.18
N LYS B 122 16.34 -12.78 3.31
CA LYS B 122 17.42 -12.19 4.10
C LYS B 122 17.74 -10.73 3.81
N LYS B 123 17.60 -10.31 2.55
CA LYS B 123 17.88 -8.93 2.16
C LYS B 123 16.80 -7.93 2.55
N LEU B 124 15.66 -8.43 3.03
CA LEU B 124 14.56 -7.54 3.40
C LEU B 124 14.17 -7.66 4.87
N ARG B 125 15.06 -8.15 5.70
CA ARG B 125 14.76 -8.32 7.12
C ARG B 125 14.87 -6.97 7.85
N ASN B 126 14.30 -6.92 9.05
CA ASN B 126 14.35 -5.72 9.86
C ASN B 126 13.65 -4.53 9.23
N LYS B 127 12.64 -4.80 8.41
CA LYS B 127 11.88 -3.73 7.78
C LYS B 127 10.47 -3.72 8.37
N ARG B 128 10.29 -4.44 9.47
CA ARG B 128 9.00 -4.53 10.14
C ARG B 128 7.92 -5.10 9.20
N LEU B 129 8.32 -6.05 8.37
CA LEU B 129 7.39 -6.67 7.43
C LEU B 129 6.64 -7.84 8.07
N ALA B 130 7.30 -8.55 8.98
CA ALA B 130 6.70 -9.70 9.66
C ALA B 130 5.37 -9.36 10.34
N PRO B 131 5.29 -8.21 11.04
CA PRO B 131 4.04 -7.86 11.71
C PRO B 131 2.86 -7.74 10.73
N VAL B 132 3.12 -7.23 9.53
CA VAL B 132 2.05 -7.09 8.55
C VAL B 132 1.60 -8.46 8.04
N LEU B 133 2.55 -9.37 7.85
CA LEU B 133 2.25 -10.72 7.40
C LEU B 133 1.34 -11.41 8.41
N ILE B 134 1.70 -11.27 9.68
CA ILE B 134 0.95 -11.89 10.76
C ILE B 134 -0.48 -11.36 10.88
N LYS B 135 -0.64 -10.05 10.75
CA LYS B 135 -1.97 -9.45 10.84
C LYS B 135 -2.81 -9.80 9.62
N GLU B 136 -2.18 -9.91 8.45
CA GLU B 136 -2.91 -10.26 7.24
C GLU B 136 -3.40 -11.71 7.26
N ILE B 137 -2.60 -12.63 7.80
CA ILE B 137 -3.05 -14.02 7.86
C ILE B 137 -4.13 -14.13 8.95
N THR B 138 -3.99 -13.33 10.00
CA THR B 138 -4.98 -13.31 11.07
C THR B 138 -6.34 -12.90 10.47
N ARG B 139 -6.32 -11.86 9.62
CA ARG B 139 -7.51 -11.36 8.96
C ARG B 139 -8.15 -12.41 8.08
N ARG B 140 -7.33 -13.06 7.26
CA ARG B 140 -7.84 -14.09 6.35
C ARG B 140 -8.40 -15.31 7.07
N VAL B 141 -7.88 -15.59 8.25
CA VAL B 141 -8.37 -16.72 9.04
C VAL B 141 -9.64 -16.26 9.74
N ASN B 142 -9.60 -15.05 10.28
CA ASN B 142 -10.76 -14.48 10.95
C ASN B 142 -11.96 -14.42 10.02
N LYS B 143 -11.71 -14.17 8.73
CA LYS B 143 -12.78 -14.11 7.74
C LYS B 143 -13.48 -15.47 7.61
N GLN B 144 -12.82 -16.54 8.04
CA GLN B 144 -13.40 -17.87 7.96
C GLN B 144 -14.00 -18.25 9.31
N ASN B 145 -14.24 -17.23 10.14
CA ASN B 145 -14.81 -17.39 11.47
C ASN B 145 -14.00 -18.30 12.37
N ILE B 146 -12.68 -18.18 12.28
CA ILE B 146 -11.77 -18.94 13.12
C ILE B 146 -10.98 -17.87 13.89
N TRP B 147 -11.01 -17.96 15.21
CA TRP B 147 -10.36 -16.96 16.05
C TRP B 147 -9.21 -17.43 16.93
N GLN B 148 -8.85 -18.72 16.84
CA GLN B 148 -7.72 -19.24 17.60
C GLN B 148 -6.73 -19.84 16.61
N ALA B 149 -5.47 -19.93 17.01
CA ALA B 149 -4.44 -20.50 16.15
C ALA B 149 -3.35 -21.16 17.01
N LEU B 150 -2.81 -22.27 16.52
CA LEU B 150 -1.75 -22.98 17.24
C LEU B 150 -0.48 -22.87 16.44
N TYR B 151 0.64 -22.62 17.11
CA TYR B 151 1.92 -22.53 16.41
C TYR B 151 3.09 -22.73 17.36
N THR B 152 4.27 -22.95 16.81
CA THR B 152 5.49 -23.15 17.59
C THR B 152 6.53 -22.14 17.15
N GLY B 153 7.57 -21.97 17.96
CA GLY B 153 8.63 -21.04 17.61
C GLY B 153 9.71 -20.95 18.67
N GLY B 154 10.66 -20.05 18.45
CA GLY B 154 11.73 -19.88 19.42
C GLY B 154 11.18 -19.19 20.65
N SER B 155 12.05 -18.95 21.64
CA SER B 155 11.61 -18.30 22.88
C SER B 155 11.49 -16.78 22.72
N ILE B 156 10.81 -16.37 21.67
CA ILE B 156 10.60 -14.95 21.39
C ILE B 156 9.26 -14.44 21.93
N LEU B 157 8.15 -15.00 21.44
CA LEU B 157 6.83 -14.58 21.90
C LEU B 157 6.70 -14.76 23.42
N PRO B 158 5.77 -14.02 24.05
CA PRO B 158 5.56 -14.11 25.49
C PRO B 158 4.65 -15.23 25.99
N THR B 159 4.99 -15.76 27.16
CA THR B 159 4.23 -16.82 27.81
C THR B 159 3.74 -17.94 26.91
N PRO B 160 4.58 -18.96 26.68
CA PRO B 160 4.17 -20.07 25.82
C PRO B 160 3.33 -21.07 26.61
N LEU B 161 2.75 -22.03 25.91
CA LEU B 161 1.94 -23.07 26.54
C LEU B 161 2.94 -23.85 27.40
N THR B 162 4.13 -24.07 26.83
CA THR B 162 5.22 -24.77 27.51
C THR B 162 6.40 -24.85 26.55
N THR B 163 7.51 -25.39 27.03
CA THR B 163 8.72 -25.53 26.23
C THR B 163 9.19 -26.98 26.20
N CYS B 164 9.55 -27.48 25.02
CA CYS B 164 10.06 -28.84 24.90
C CYS B 164 11.45 -28.77 24.31
N ARG B 165 12.23 -29.81 24.53
CA ARG B 165 13.60 -29.82 24.02
C ARG B 165 13.77 -30.85 22.93
N TYR B 166 14.61 -30.56 21.96
CA TYR B 166 14.85 -31.53 20.90
C TYR B 166 15.75 -32.64 21.45
N GLN B 167 15.59 -33.83 20.88
CA GLN B 167 16.37 -35.01 21.26
C GLN B 167 16.82 -35.63 19.96
N HIS B 168 18.02 -36.22 19.95
CA HIS B 168 18.56 -36.82 18.75
C HIS B 168 19.12 -38.23 18.97
N ARG B 169 18.86 -39.11 18.01
CA ARG B 169 19.33 -40.49 18.08
C ARG B 169 20.15 -40.75 16.80
N PRO B 170 21.48 -40.80 16.93
CA PRO B 170 22.32 -41.04 15.75
C PRO B 170 22.02 -42.38 15.11
N ILE B 171 21.95 -42.39 13.78
CA ILE B 171 21.71 -43.63 13.04
C ILE B 171 23.05 -43.90 12.33
N ASN B 172 23.54 -42.87 11.64
CA ASN B 172 24.80 -42.93 10.93
C ASN B 172 25.70 -41.90 11.61
N TRP B 173 26.27 -42.26 12.75
CA TRP B 173 27.12 -41.36 13.51
C TRP B 173 28.29 -40.75 12.74
N SER B 174 28.97 -41.55 11.94
CA SER B 174 30.12 -41.06 11.19
C SER B 174 29.79 -39.82 10.38
N LYS B 175 28.63 -39.83 9.74
CA LYS B 175 28.23 -38.69 8.92
C LYS B 175 27.94 -37.48 9.82
N LEU B 176 27.35 -37.73 10.98
CA LEU B 176 27.03 -36.65 11.91
C LEU B 176 28.32 -36.00 12.39
N HIS B 177 29.34 -36.82 12.60
CA HIS B 177 30.62 -36.30 13.06
C HIS B 177 31.28 -35.47 11.97
N ASP B 178 31.24 -35.97 10.74
CA ASP B 178 31.85 -35.26 9.63
C ASP B 178 31.30 -33.84 9.41
N VAL B 179 29.99 -33.68 9.49
CA VAL B 179 29.39 -32.36 9.28
C VAL B 179 29.31 -31.46 10.52
N GLY B 180 29.83 -31.93 11.64
CA GLY B 180 29.80 -31.13 12.85
C GLY B 180 28.50 -31.19 13.63
N PHE B 181 27.64 -32.16 13.31
CA PHE B 181 26.38 -32.31 14.02
C PHE B 181 26.65 -32.76 15.46
N SER B 182 27.56 -33.71 15.61
CA SER B 182 27.90 -34.19 16.95
C SER B 182 29.40 -34.24 17.11
N HIS B 183 29.86 -34.22 18.35
CA HIS B 183 31.29 -34.25 18.61
C HIS B 183 31.69 -35.54 19.32
N LEU B 184 32.94 -35.95 19.09
CA LEU B 184 33.50 -37.15 19.68
C LEU B 184 33.84 -36.90 21.15
N PRO B 185 33.22 -37.65 22.06
CA PRO B 185 33.50 -37.46 23.50
C PRO B 185 34.94 -37.84 23.82
N PRO B 186 35.49 -37.29 24.92
CA PRO B 186 36.87 -37.63 25.28
C PRO B 186 36.96 -39.13 25.57
N ASN B 187 38.16 -39.68 25.55
CA ASN B 187 38.37 -41.11 25.78
C ASN B 187 37.31 -41.98 25.09
N GLN B 188 37.17 -41.77 23.79
CA GLN B 188 36.24 -42.48 22.92
C GLN B 188 36.81 -42.41 21.50
N THR B 189 36.61 -43.46 20.71
CA THR B 189 37.10 -43.47 19.34
C THR B 189 35.92 -43.50 18.38
N LYS B 190 36.15 -43.08 17.14
CA LYS B 190 35.11 -43.06 16.12
C LYS B 190 34.53 -44.45 15.97
N SER B 191 35.37 -45.46 16.19
CA SER B 191 34.97 -46.85 16.07
C SER B 191 33.98 -47.25 17.17
N SER B 192 34.27 -46.85 18.40
CA SER B 192 33.41 -47.18 19.52
C SER B 192 32.07 -46.43 19.48
N MET B 193 32.07 -45.25 18.86
CA MET B 193 30.84 -44.46 18.76
C MET B 193 29.90 -45.16 17.78
N VAL B 194 30.43 -45.54 16.64
CA VAL B 194 29.64 -46.23 15.62
C VAL B 194 29.03 -47.50 16.23
N ALA B 195 29.89 -48.36 16.75
CA ALA B 195 29.44 -49.61 17.36
C ALA B 195 28.38 -49.37 18.44
N SER B 196 28.52 -48.27 19.17
CA SER B 196 27.58 -47.95 20.24
C SER B 196 26.19 -47.58 19.70
N TYR B 197 26.13 -47.12 18.46
CA TYR B 197 24.87 -46.71 17.87
C TYR B 197 24.32 -47.63 16.77
N THR B 198 25.07 -48.66 16.40
CA THR B 198 24.61 -49.59 15.36
C THR B 198 23.34 -50.30 15.80
N LEU B 199 22.49 -50.62 14.83
CA LEU B 199 21.22 -51.29 15.12
C LEU B 199 21.00 -52.44 14.14
N PRO B 200 20.07 -53.36 14.48
CA PRO B 200 19.79 -54.49 13.59
C PRO B 200 19.28 -53.96 12.25
N ASN B 201 19.23 -54.82 11.24
CA ASN B 201 18.74 -54.40 9.93
C ASN B 201 17.29 -54.79 9.75
N ASN B 202 16.75 -55.53 10.71
CA ASN B 202 15.36 -55.98 10.63
C ASN B 202 14.64 -55.73 11.95
N PRO B 203 13.38 -55.29 11.88
CA PRO B 203 12.56 -55.01 13.07
C PRO B 203 12.34 -56.26 13.93
N LYS B 204 12.21 -56.07 15.24
CA LYS B 204 12.00 -57.16 16.16
C LYS B 204 10.53 -57.58 16.29
N LEU B 205 9.68 -56.62 16.61
CA LEU B 205 8.26 -56.86 16.81
C LEU B 205 7.54 -57.66 15.72
N LYS B 206 6.91 -58.75 16.16
CA LYS B 206 6.17 -59.62 15.27
C LYS B 206 4.81 -58.96 15.02
N GLY B 207 4.44 -58.84 13.75
CA GLY B 207 3.18 -58.23 13.42
C GLY B 207 3.34 -56.84 12.84
N LEU B 208 4.55 -56.28 12.96
CA LEU B 208 4.83 -54.95 12.43
C LEU B 208 4.71 -54.96 10.92
N ARG B 209 3.94 -54.02 10.38
CA ARG B 209 3.73 -53.92 8.93
C ARG B 209 3.39 -52.48 8.58
N PRO B 210 3.60 -52.08 7.32
CA PRO B 210 3.26 -50.71 6.95
C PRO B 210 1.76 -50.55 7.10
N MET B 211 1.32 -49.34 7.43
CA MET B 211 -0.10 -49.05 7.59
C MET B 211 -0.75 -48.94 6.21
N THR B 212 -2.04 -49.28 6.12
CA THR B 212 -2.74 -49.18 4.85
C THR B 212 -4.03 -48.41 5.04
N GLY B 213 -4.66 -47.98 3.95
CA GLY B 213 -5.89 -47.22 4.05
C GLY B 213 -7.00 -47.89 4.84
N LYS B 214 -7.00 -49.21 4.92
CA LYS B 214 -8.06 -49.88 5.66
C LYS B 214 -7.80 -49.96 7.16
N ASP B 215 -6.65 -49.47 7.61
CA ASP B 215 -6.33 -49.47 9.03
C ASP B 215 -6.80 -48.16 9.69
N VAL B 216 -6.93 -47.13 8.87
CA VAL B 216 -7.30 -45.80 9.33
C VAL B 216 -8.32 -45.74 10.47
N SER B 217 -9.51 -46.25 10.21
CA SER B 217 -10.57 -46.24 11.21
C SER B 217 -10.18 -46.89 12.55
N THR B 218 -9.50 -48.03 12.49
CA THR B 218 -9.08 -48.73 13.69
C THR B 218 -7.94 -48.03 14.42
N VAL B 219 -6.97 -47.54 13.67
CA VAL B 219 -5.84 -46.86 14.29
C VAL B 219 -6.31 -45.55 14.96
N LEU B 220 -7.31 -44.90 14.37
CA LEU B 220 -7.79 -43.65 14.95
C LEU B 220 -8.41 -43.90 16.33
N SER B 221 -9.18 -44.97 16.46
CA SER B 221 -9.80 -45.30 17.74
C SER B 221 -8.74 -45.58 18.80
N LEU B 222 -7.67 -46.25 18.39
CA LEU B 222 -6.57 -46.55 19.30
C LEU B 222 -5.93 -45.25 19.80
N LEU B 223 -5.60 -44.36 18.87
CA LEU B 223 -4.98 -43.10 19.24
C LEU B 223 -5.86 -42.28 20.20
N TYR B 224 -7.14 -42.17 19.89
CA TYR B 224 -8.07 -41.40 20.73
C TYR B 224 -8.09 -41.91 22.16
N LYS B 225 -8.12 -43.23 22.33
CA LYS B 225 -8.14 -43.85 23.66
C LYS B 225 -6.84 -43.55 24.40
N TYR B 226 -5.73 -43.63 23.68
CA TYR B 226 -4.38 -43.39 24.21
C TYR B 226 -4.04 -41.92 24.52
N GLN B 227 -4.49 -40.99 23.69
CA GLN B 227 -4.22 -39.55 23.87
C GLN B 227 -4.86 -38.91 25.08
N GLU B 228 -5.82 -39.61 25.67
CA GLU B 228 -6.56 -39.12 26.83
C GLU B 228 -5.63 -38.55 27.90
N ARG B 229 -4.44 -39.14 28.02
CA ARG B 229 -3.48 -38.75 29.04
C ARG B 229 -2.79 -37.40 28.88
N PHE B 230 -2.82 -36.85 27.66
CA PHE B 230 -2.19 -35.56 27.39
C PHE B 230 -3.18 -34.40 27.58
N ASP B 231 -2.67 -33.18 27.63
CA ASP B 231 -3.53 -32.00 27.84
C ASP B 231 -4.09 -31.39 26.56
N ILE B 232 -3.27 -31.33 25.51
CA ILE B 232 -3.73 -30.78 24.25
C ILE B 232 -3.45 -31.77 23.14
N VAL B 233 -4.51 -32.23 22.47
CA VAL B 233 -4.39 -33.21 21.40
C VAL B 233 -5.09 -32.80 20.11
N GLN B 234 -4.74 -33.48 19.02
CA GLN B 234 -5.34 -33.19 17.74
C GLN B 234 -6.45 -34.23 17.45
N LEU B 235 -7.53 -33.77 16.83
CA LEU B 235 -8.65 -34.64 16.48
C LEU B 235 -8.71 -34.70 14.95
N PHE B 236 -9.11 -35.84 14.39
CA PHE B 236 -9.17 -35.96 12.94
C PHE B 236 -10.44 -36.63 12.42
N THR B 237 -10.80 -36.32 11.19
CA THR B 237 -11.91 -37.01 10.55
C THR B 237 -11.10 -38.13 9.90
N GLU B 238 -11.73 -39.22 9.46
CA GLU B 238 -10.97 -40.31 8.86
C GLU B 238 -10.18 -39.89 7.63
N GLU B 239 -10.73 -38.95 6.86
CA GLU B 239 -10.07 -38.47 5.64
C GLU B 239 -8.82 -37.66 6.02
N GLU B 240 -8.93 -36.96 7.14
CA GLU B 240 -7.86 -36.12 7.65
C GLU B 240 -6.69 -36.96 8.18
N PHE B 241 -7.02 -38.01 8.94
CA PHE B 241 -6.03 -38.91 9.51
C PHE B 241 -5.32 -39.67 8.39
N LYS B 242 -6.09 -40.08 7.39
CA LYS B 242 -5.54 -40.81 6.27
C LYS B 242 -4.47 -39.94 5.58
N HIS B 243 -4.81 -38.68 5.33
CA HIS B 243 -3.86 -37.75 4.69
C HIS B 243 -2.58 -37.60 5.49
N TRP B 244 -2.70 -37.41 6.80
CA TRP B 244 -1.53 -37.22 7.64
C TRP B 244 -0.67 -38.47 7.88
N MET B 245 -1.29 -39.64 7.86
CA MET B 245 -0.55 -40.88 8.08
C MET B 245 -0.07 -41.53 6.80
N LEU B 246 -0.80 -41.35 5.70
CA LEU B 246 -0.45 -41.99 4.44
C LEU B 246 -0.18 -41.09 3.25
N GLY B 247 -0.55 -39.82 3.34
CA GLY B 247 -0.32 -38.93 2.22
C GLY B 247 -1.50 -38.93 1.25
N HIS B 248 -1.32 -38.29 0.10
CA HIS B 248 -2.36 -38.17 -0.93
C HIS B 248 -2.85 -39.52 -1.47
N ASP B 249 -1.93 -40.44 -1.74
CA ASP B 249 -2.31 -41.77 -2.24
C ASP B 249 -1.93 -42.82 -1.21
N GLU B 250 -2.94 -43.53 -0.70
CA GLU B 250 -2.74 -44.57 0.32
C GLU B 250 -2.12 -45.86 -0.18
N ASN B 251 -2.10 -46.05 -1.50
CA ASN B 251 -1.53 -47.26 -2.11
C ASN B 251 -0.13 -47.04 -2.68
N SER B 252 0.31 -45.79 -2.76
CA SER B 252 1.61 -45.48 -3.32
C SER B 252 2.68 -45.19 -2.28
N ASP B 253 3.89 -44.98 -2.77
CA ASP B 253 5.04 -44.68 -1.92
C ASP B 253 5.12 -43.19 -1.64
N SER B 254 4.92 -42.83 -0.38
CA SER B 254 5.02 -41.43 0.03
C SER B 254 6.45 -41.28 0.55
N ASN B 255 7.18 -40.31 0.01
CA ASN B 255 8.57 -40.11 0.44
C ASN B 255 8.71 -39.15 1.60
N VAL B 256 7.58 -38.79 2.22
CA VAL B 256 7.62 -37.85 3.35
C VAL B 256 7.11 -38.40 4.68
N VAL B 257 5.98 -39.11 4.68
CA VAL B 257 5.49 -39.67 5.94
C VAL B 257 5.49 -41.21 5.90
N LYS B 258 5.83 -41.83 7.02
CA LYS B 258 5.89 -43.30 7.12
C LYS B 258 5.06 -43.75 8.32
N SER B 259 4.17 -44.72 8.12
CA SER B 259 3.32 -45.22 9.20
C SER B 259 3.34 -46.73 9.34
N TYR B 260 3.36 -47.20 10.57
CA TYR B 260 3.38 -48.64 10.82
C TYR B 260 2.41 -49.02 11.92
N VAL B 261 1.89 -50.23 11.83
CA VAL B 261 0.98 -50.74 12.85
C VAL B 261 1.50 -52.11 13.27
N VAL B 262 1.03 -52.57 14.42
CA VAL B 262 1.43 -53.87 14.93
C VAL B 262 0.16 -54.63 15.28
N GLU B 263 -0.11 -55.73 14.58
CA GLU B 263 -1.31 -56.52 14.90
C GLU B 263 -0.91 -57.86 15.49
N ASP B 264 -1.67 -58.31 16.49
CA ASP B 264 -1.37 -59.58 17.13
C ASP B 264 -1.81 -60.77 16.26
N GLU B 265 -1.81 -61.96 16.85
CA GLU B 265 -2.19 -63.18 16.12
C GLU B 265 -3.61 -63.14 15.60
N ASN B 266 -4.47 -62.39 16.28
CA ASN B 266 -5.87 -62.28 15.88
C ASN B 266 -6.18 -61.15 14.90
N GLY B 267 -5.14 -60.45 14.44
CA GLY B 267 -5.34 -59.36 13.51
C GLY B 267 -5.84 -58.09 14.16
N ILE B 268 -5.59 -57.95 15.46
CA ILE B 268 -6.01 -56.77 16.21
C ILE B 268 -4.80 -55.82 16.33
N ILE B 269 -4.97 -54.58 15.86
CA ILE B 269 -3.87 -53.61 15.96
C ILE B 269 -3.76 -53.21 17.42
N THR B 270 -2.56 -53.33 17.97
CA THR B 270 -2.33 -53.00 19.38
C THR B 270 -1.36 -51.84 19.58
N ASP B 271 -0.60 -51.53 18.52
CA ASP B 271 0.37 -50.44 18.56
C ASP B 271 0.50 -49.85 17.16
N TYR B 272 1.00 -48.61 17.10
CA TYR B 272 1.22 -47.94 15.84
C TYR B 272 2.14 -46.74 16.07
N PHE B 273 2.88 -46.35 15.05
CA PHE B 273 3.75 -45.19 15.15
C PHE B 273 3.95 -44.60 13.76
N SER B 274 4.41 -43.37 13.70
CA SER B 274 4.64 -42.72 12.41
C SER B 274 5.71 -41.67 12.57
N TYR B 275 6.34 -41.30 11.47
CA TYR B 275 7.35 -40.26 11.51
C TYR B 275 7.42 -39.63 10.13
N TYR B 276 7.92 -38.40 10.05
CA TYR B 276 8.05 -37.74 8.76
C TYR B 276 9.51 -37.43 8.48
N LEU B 277 9.86 -37.26 7.21
CA LEU B 277 11.24 -36.99 6.79
C LEU B 277 11.43 -35.55 6.40
N LEU B 278 12.35 -34.87 7.08
CA LEU B 278 12.62 -33.45 6.84
C LEU B 278 14.12 -33.24 7.03
N PRO B 279 14.87 -33.16 5.92
CA PRO B 279 16.31 -32.97 6.01
C PRO B 279 16.87 -31.58 6.35
N PHE B 280 18.17 -31.57 6.60
CA PHE B 280 18.92 -30.36 6.89
C PHE B 280 19.86 -30.18 5.70
N THR B 281 20.08 -28.94 5.33
CA THR B 281 21.00 -28.61 4.26
C THR B 281 22.29 -28.32 5.01
N VAL B 282 23.40 -28.91 4.58
CA VAL B 282 24.67 -28.66 5.24
C VAL B 282 25.20 -27.41 4.54
N LEU B 283 25.34 -26.31 5.29
CA LEU B 283 25.79 -25.06 4.70
C LEU B 283 27.21 -25.02 4.12
N ASP B 284 28.20 -25.52 4.85
CA ASP B 284 29.58 -25.52 4.36
C ASP B 284 30.36 -26.79 4.63
N ASN B 285 30.29 -27.74 3.69
CA ASN B 285 31.01 -29.00 3.84
C ASN B 285 31.33 -29.57 2.47
N ALA B 286 32.57 -30.04 2.32
CA ALA B 286 33.05 -30.59 1.05
C ALA B 286 32.51 -32.00 0.76
N GLN B 287 32.21 -32.74 1.83
CA GLN B 287 31.71 -34.10 1.69
C GLN B 287 30.21 -34.20 1.44
N HIS B 288 29.42 -33.55 2.28
CA HIS B 288 27.96 -33.64 2.15
C HIS B 288 27.24 -32.30 2.05
N ASP B 289 26.12 -32.30 1.36
CA ASP B 289 25.32 -31.09 1.24
C ASP B 289 23.97 -31.29 1.90
N GLU B 290 23.70 -32.54 2.29
CA GLU B 290 22.43 -32.88 2.91
C GLU B 290 22.55 -33.91 4.02
N LEU B 291 21.73 -33.73 5.06
CA LEU B 291 21.70 -34.63 6.20
C LEU B 291 20.30 -35.24 6.30
N GLY B 292 20.20 -36.57 6.32
CA GLY B 292 18.92 -37.24 6.39
C GLY B 292 18.35 -37.24 7.80
N ILE B 293 17.15 -36.67 7.97
CA ILE B 293 16.54 -36.58 9.28
C ILE B 293 15.05 -36.97 9.30
N ALA B 294 14.65 -37.66 10.37
CA ALA B 294 13.28 -38.07 10.55
C ALA B 294 12.79 -37.51 11.87
N TYR B 295 11.50 -37.18 11.94
CA TYR B 295 10.91 -36.68 13.17
C TYR B 295 9.75 -37.57 13.57
N LEU B 296 9.74 -38.03 14.82
CA LEU B 296 8.65 -38.85 15.32
C LEU B 296 7.36 -38.03 15.25
N PHE B 297 6.28 -38.63 14.76
CA PHE B 297 5.00 -37.93 14.60
C PHE B 297 4.05 -38.40 15.70
N TYR B 298 2.98 -39.10 15.32
CA TYR B 298 2.03 -39.59 16.30
C TYR B 298 2.20 -41.09 16.52
N TYR B 299 1.89 -41.55 17.73
CA TYR B 299 2.01 -42.96 18.06
C TYR B 299 1.07 -43.34 19.20
N ALA B 300 0.82 -44.64 19.33
CA ALA B 300 -0.06 -45.16 20.36
C ALA B 300 0.18 -46.64 20.62
N SER B 301 -0.09 -47.07 21.86
CA SER B 301 0.06 -48.46 22.27
C SER B 301 -1.06 -48.75 23.27
N ASP B 302 -1.73 -49.89 23.12
CA ASP B 302 -2.81 -50.23 24.03
C ASP B 302 -2.33 -50.73 25.39
N SER B 303 -1.01 -50.82 25.55
CA SER B 303 -0.43 -51.31 26.78
C SER B 303 -0.12 -50.19 27.78
N PHE B 304 -0.77 -49.04 27.62
CA PHE B 304 -0.52 -47.91 28.53
C PHE B 304 -1.03 -48.13 29.95
N GLU B 305 -1.91 -49.11 30.15
CA GLU B 305 -2.41 -49.40 31.49
C GLU B 305 -1.78 -50.66 32.09
N LYS B 306 -0.98 -51.36 31.29
CA LYS B 306 -0.32 -52.58 31.73
C LYS B 306 1.02 -52.21 32.37
N PRO B 307 1.56 -53.09 33.24
CA PRO B 307 2.84 -52.79 33.89
C PRO B 307 4.06 -52.77 32.97
N ASN B 308 3.94 -53.44 31.82
CA ASN B 308 5.03 -53.49 30.85
C ASN B 308 5.00 -52.33 29.85
N TYR B 309 4.22 -51.29 30.15
CA TYR B 309 4.10 -50.13 29.26
C TYR B 309 5.43 -49.53 28.79
N LYS B 310 6.28 -49.12 29.73
CA LYS B 310 7.57 -48.53 29.41
C LYS B 310 8.38 -49.44 28.48
N LYS B 311 8.45 -50.71 28.84
CA LYS B 311 9.18 -51.71 28.07
C LYS B 311 8.65 -51.82 26.64
N ARG B 312 7.33 -51.86 26.51
CA ARG B 312 6.69 -51.95 25.20
C ARG B 312 7.00 -50.73 24.32
N LEU B 313 6.94 -49.56 24.93
CA LEU B 313 7.21 -48.29 24.22
C LEU B 313 8.65 -48.25 23.72
N ASN B 314 9.56 -48.83 24.50
CA ASN B 314 10.97 -48.84 24.12
C ASN B 314 11.15 -49.77 22.93
N GLU B 315 10.40 -50.86 22.93
CA GLU B 315 10.48 -51.82 21.84
C GLU B 315 9.90 -51.22 20.55
N LEU B 316 8.84 -50.44 20.72
CA LEU B 316 8.16 -49.81 19.58
C LEU B 316 9.08 -48.82 18.86
N ILE B 317 9.64 -47.88 19.61
CA ILE B 317 10.53 -46.89 19.04
C ILE B 317 11.81 -47.52 18.45
N THR B 318 12.28 -48.60 19.05
CA THR B 318 13.48 -49.26 18.53
C THR B 318 13.20 -49.74 17.10
N ASP B 319 12.03 -50.31 16.88
CA ASP B 319 11.69 -50.75 15.52
C ASP B 319 11.54 -49.53 14.61
N ALA B 320 11.05 -48.43 15.17
CA ALA B 320 10.89 -47.21 14.39
C ALA B 320 12.28 -46.79 13.92
N LEU B 321 13.23 -46.76 14.84
CA LEU B 321 14.62 -46.41 14.51
C LEU B 321 15.20 -47.31 13.43
N ILE B 322 14.90 -48.61 13.49
CA ILE B 322 15.40 -49.57 12.52
C ILE B 322 14.76 -49.38 11.15
N THR B 323 13.45 -49.17 11.11
CA THR B 323 12.79 -48.98 9.82
C THR B 323 13.30 -47.74 9.11
N SER B 324 13.74 -46.73 9.84
CA SER B 324 14.24 -45.49 9.22
C SER B 324 15.54 -45.62 8.45
N LYS B 325 16.32 -46.68 8.70
CA LYS B 325 17.60 -46.86 8.00
C LYS B 325 17.35 -47.18 6.54
N LYS B 326 16.15 -47.63 6.23
CA LYS B 326 15.79 -47.96 4.87
C LYS B 326 15.49 -46.71 4.04
N PHE B 327 15.45 -45.56 4.70
CA PHE B 327 15.16 -44.31 3.98
C PHE B 327 16.27 -43.26 4.01
N GLY B 328 17.50 -43.70 4.26
CA GLY B 328 18.61 -42.78 4.28
C GLY B 328 18.69 -41.84 5.48
N VAL B 329 18.00 -42.18 6.57
CA VAL B 329 18.03 -41.34 7.76
C VAL B 329 19.37 -41.45 8.52
N ASP B 330 19.99 -40.30 8.77
CA ASP B 330 21.27 -40.26 9.47
C ASP B 330 21.09 -40.07 10.97
N VAL B 331 20.00 -39.41 11.36
CA VAL B 331 19.69 -39.15 12.77
C VAL B 331 18.18 -39.06 12.92
N PHE B 332 17.65 -39.64 14.00
CA PHE B 332 16.23 -39.66 14.28
C PHE B 332 15.90 -38.65 15.40
N ASN B 333 15.00 -37.71 15.12
CA ASN B 333 14.63 -36.67 16.10
C ASN B 333 13.26 -36.81 16.74
N CYS B 334 13.10 -36.12 17.87
CA CYS B 334 11.84 -36.06 18.58
C CYS B 334 12.00 -34.98 19.64
N LEU B 335 10.91 -34.63 20.30
CA LEU B 335 10.93 -33.62 21.33
C LEU B 335 10.52 -34.30 22.64
N THR B 336 10.62 -33.58 23.74
CA THR B 336 10.26 -34.15 25.02
C THR B 336 8.75 -34.12 25.28
N CYS B 337 7.96 -34.07 24.21
CA CYS B 337 6.50 -34.03 24.31
C CYS B 337 5.89 -35.43 24.40
N GLN B 338 4.56 -35.50 24.48
CA GLN B 338 3.84 -36.76 24.59
C GLN B 338 4.42 -37.58 25.75
N ASP B 339 4.73 -38.85 25.51
CA ASP B 339 5.33 -39.69 26.54
C ASP B 339 6.74 -40.07 26.12
N ASN B 340 7.37 -39.21 25.33
CA ASN B 340 8.71 -39.48 24.81
C ASN B 340 9.81 -39.65 25.85
N THR B 341 9.66 -39.05 27.04
CA THR B 341 10.69 -39.19 28.07
C THR B 341 10.76 -40.59 28.67
N TYR B 342 9.82 -41.45 28.29
CA TYR B 342 9.79 -42.83 28.79
C TYR B 342 10.76 -43.72 28.00
N PHE B 343 11.16 -43.30 26.80
CA PHE B 343 12.06 -44.11 25.99
C PHE B 343 13.40 -43.47 25.61
N LEU B 344 13.59 -42.19 25.91
CA LEU B 344 14.82 -41.48 25.56
C LEU B 344 16.12 -42.14 26.03
N LYS B 345 16.16 -42.53 27.30
CA LYS B 345 17.35 -43.15 27.88
C LYS B 345 17.73 -44.47 27.22
N ASP B 346 16.88 -45.48 27.42
CA ASP B 346 17.12 -46.81 26.85
C ASP B 346 17.32 -46.86 25.35
N CYS B 347 16.75 -45.92 24.61
CA CYS B 347 16.90 -45.90 23.15
C CYS B 347 18.08 -45.06 22.70
N LYS B 348 18.82 -44.53 23.67
CA LYS B 348 20.01 -43.73 23.40
C LYS B 348 19.82 -42.41 22.68
N PHE B 349 18.77 -41.67 23.05
CA PHE B 349 18.53 -40.35 22.48
C PHE B 349 19.34 -39.35 23.29
N GLY B 350 19.98 -38.40 22.62
CA GLY B 350 20.74 -37.38 23.33
C GLY B 350 20.10 -36.00 23.23
N SER B 351 20.26 -35.17 24.27
CA SER B 351 19.67 -33.83 24.28
C SER B 351 20.34 -32.88 23.28
N GLY B 352 19.52 -32.12 22.56
CA GLY B 352 20.07 -31.18 21.60
C GLY B 352 20.25 -29.79 22.20
N ASP B 353 20.73 -28.85 21.39
CA ASP B 353 20.93 -27.50 21.84
C ASP B 353 19.74 -26.61 21.46
N GLY B 354 18.70 -27.23 20.90
CA GLY B 354 17.53 -26.48 20.51
C GLY B 354 16.27 -26.82 21.31
N PHE B 355 15.42 -25.82 21.49
CA PHE B 355 14.16 -26.00 22.21
C PHE B 355 13.04 -25.52 21.31
N LEU B 356 11.81 -25.84 21.68
CA LEU B 356 10.66 -25.41 20.89
C LEU B 356 9.58 -24.96 21.84
N ASN B 357 8.99 -23.81 21.54
CA ASN B 357 7.91 -23.27 22.34
C ASN B 357 6.60 -23.46 21.60
N TYR B 358 5.53 -23.71 22.34
CA TYR B 358 4.20 -23.90 21.72
C TYR B 358 3.30 -22.75 22.15
N TYR B 359 2.51 -22.23 21.23
CA TYR B 359 1.63 -21.12 21.57
C TYR B 359 0.21 -21.28 21.06
N LEU B 360 -0.72 -20.65 21.77
CA LEU B 360 -2.13 -20.62 21.40
C LEU B 360 -2.48 -19.15 21.27
N PHE B 361 -2.96 -18.74 20.11
CA PHE B 361 -3.33 -17.35 19.91
C PHE B 361 -4.78 -17.16 20.36
N ASN B 362 -5.06 -16.03 21.01
CA ASN B 362 -6.40 -15.70 21.48
C ASN B 362 -7.06 -16.80 22.30
N TYR B 363 -6.32 -17.33 23.27
CA TYR B 363 -6.84 -18.36 24.14
C TYR B 363 -5.89 -18.49 25.31
N ARG B 364 -6.44 -18.69 26.49
CA ARG B 364 -5.62 -18.82 27.68
C ARG B 364 -6.00 -20.12 28.37
N THR B 365 -5.01 -20.78 28.98
CA THR B 365 -5.27 -22.02 29.69
C THR B 365 -4.14 -22.29 30.66
N PHE B 366 -4.31 -23.31 31.49
CA PHE B 366 -3.31 -23.65 32.50
C PHE B 366 -1.98 -24.08 31.89
N PRO B 367 -0.87 -23.85 32.59
CA PRO B 367 0.45 -24.24 32.07
C PRO B 367 0.53 -25.75 31.88
N MET B 368 1.47 -26.19 31.05
CA MET B 368 1.66 -27.60 30.77
C MET B 368 3.10 -28.05 30.97
N ASP B 369 3.28 -29.34 31.24
CA ASP B 369 4.62 -29.88 31.43
C ASP B 369 5.27 -30.14 30.08
N GLY B 370 6.48 -29.60 29.89
CA GLY B 370 7.16 -29.77 28.63
C GLY B 370 8.12 -30.94 28.56
N GLY B 371 8.13 -31.80 29.56
CA GLY B 371 9.01 -32.96 29.55
C GLY B 371 10.42 -32.67 30.05
N ILE B 372 10.69 -31.41 30.38
CA ILE B 372 12.00 -31.01 30.91
C ILE B 372 11.81 -30.32 32.25
N ASP B 373 12.91 -30.07 32.95
CA ASP B 373 12.86 -29.40 34.24
C ASP B 373 12.88 -27.90 33.94
N LYS B 374 11.82 -27.21 34.36
CA LYS B 374 11.67 -25.78 34.12
C LYS B 374 12.84 -24.91 34.60
N LYS B 375 13.65 -25.45 35.49
CA LYS B 375 14.79 -24.68 36.00
C LYS B 375 16.10 -25.04 35.31
N THR B 376 16.44 -26.33 35.29
CA THR B 376 17.69 -26.77 34.67
C THR B 376 17.58 -27.11 33.18
N LYS B 377 16.37 -27.06 32.63
CA LYS B 377 16.14 -27.36 31.22
C LYS B 377 16.63 -28.76 30.85
N GLU B 378 16.78 -29.63 31.84
CA GLU B 378 17.24 -30.99 31.59
C GLU B 378 16.04 -31.93 31.45
N VAL B 379 16.28 -33.10 30.87
CA VAL B 379 15.21 -34.08 30.67
C VAL B 379 14.77 -34.77 31.96
N VAL B 380 13.46 -34.89 32.15
CA VAL B 380 12.90 -35.59 33.30
C VAL B 380 12.32 -36.90 32.78
N GLU B 381 12.95 -38.01 33.14
CA GLU B 381 12.53 -39.33 32.69
C GLU B 381 11.12 -39.75 33.09
N ASP B 382 10.52 -40.63 32.27
CA ASP B 382 9.18 -41.16 32.50
C ASP B 382 8.12 -40.13 32.87
N GLN B 383 8.13 -39.00 32.18
CA GLN B 383 7.18 -37.91 32.45
C GLN B 383 6.15 -37.73 31.32
N THR B 384 4.87 -37.77 31.67
CA THR B 384 3.84 -37.55 30.66
C THR B 384 3.73 -36.05 30.46
N SER B 385 4.07 -35.59 29.26
CA SER B 385 4.01 -34.18 28.92
C SER B 385 2.58 -33.79 28.55
N GLY B 386 2.24 -32.52 28.74
CA GLY B 386 0.90 -32.06 28.39
C GLY B 386 0.70 -31.94 26.88
N ILE B 387 1.80 -31.81 26.15
CA ILE B 387 1.73 -31.67 24.70
C ILE B 387 1.45 -32.98 23.95
N GLY B 388 0.25 -33.09 23.38
CA GLY B 388 -0.11 -34.28 22.63
C GLY B 388 -0.30 -33.98 21.15
N VAL B 389 0.29 -32.87 20.70
CA VAL B 389 0.20 -32.46 19.32
C VAL B 389 1.61 -32.28 18.77
N VAL B 390 1.80 -32.59 17.50
CA VAL B 390 3.10 -32.46 16.86
C VAL B 390 2.92 -31.63 15.60
N LEU B 391 3.73 -30.59 15.46
CA LEU B 391 3.69 -29.71 14.31
C LEU B 391 4.80 -29.99 13.31
N LEU B 392 4.63 -29.49 12.08
CA LEU B 392 5.59 -29.72 11.00
C LEU B 392 6.70 -28.69 10.89
S1 MYA C . -3.77 20.32 -13.04
C2 MYA C . -1.97 20.46 -12.76
C3 MYA C . -1.35 19.05 -12.69
N4 MYA C . 0.04 19.11 -12.29
C5 MYA C . 1.01 18.94 -13.12
O5 MYA C . 0.88 18.73 -14.33
C6 MYA C . 2.43 19.04 -12.57
C7 MYA C . 3.46 18.20 -13.39
N8 MYA C . 3.10 16.76 -13.39
C9 MYA C . 3.08 16.10 -12.27
O9 MYA C . 3.43 16.57 -11.18
C10 MYA C . 2.58 14.67 -12.32
O10 MYA C . 2.67 14.16 -13.66
C11 MYA C . 1.13 14.48 -11.79
C12 MYA C . 0.72 13.03 -12.12
C13 MYA C . 0.11 15.33 -12.54
C14 MYA C . 1.03 14.80 -10.26
N1A MYA C . -5.32 15.43 -13.43
O1A MYA C . 1.10 9.01 -10.23
P1A MYA C . 0.75 8.60 -11.62
C1X MYA C . -4.02 10.47 -13.08
C2A MYA C . -6.02 14.37 -12.92
O2A MYA C . 1.43 7.31 -12.02
P2A MYA C . 2.31 10.88 -12.42
C2M MYA C . -4.21 20.36 -11.34
O2M MYA C . -3.39 20.63 -10.45
C2X MYA C . -4.46 9.67 -14.33
O2X MYA C . -5.72 9.05 -14.04
N3A MYA C . -5.62 13.11 -12.91
O3A MYA C . 1.10 9.80 -12.70
C3M MYA C . -5.63 20.03 -10.96
C3X MYA C . -3.41 8.57 -14.51
O3X MYA C . -4.02 7.33 -14.13
P3X MYA C . -4.71 6.43 -15.33
C4A MYA C . -4.37 12.94 -13.39
O4A MYA C . 3.36 10.24 -11.61
C4M MYA C . -5.69 18.50 -10.67
C4X MYA C . -2.33 9.00 -13.51
O4X MYA C . -2.93 9.79 -12.48
C5A MYA C . -3.52 14.01 -13.95
O5A MYA C . 2.81 11.44 -13.71
C5M MYA C . -7.11 17.96 -10.40
C5X MYA C . -1.42 7.90 -12.99
O5X MYA C . -0.85 8.36 -11.77
C6A MYA C . -4.12 15.27 -14.00
N6A MYA C . -3.47 16.32 -14.63
O6A MYA C . 1.62 12.06 -11.51
C6M MYA C . -7.05 16.45 -9.99
N7A MYA C . -2.30 13.51 -14.32
O7A MYA C . -5.08 7.39 -16.49
C7M MYA C . -8.45 15.80 -9.87
C8A MYA C . -2.37 12.22 -14.06
O8A MYA C . -3.63 5.42 -15.73
C8M MYA C . -9.38 16.47 -8.83
N9A MYA C . -3.60 11.81 -13.50
O9A MYA C . -5.95 5.76 -14.72
C9M MYA C . -10.75 15.74 -8.80
CAM MYA C . -11.68 16.25 -7.71
CBM MYA C . -11.16 15.87 -6.29
CCM MYA C . -11.95 16.58 -5.19
CDM MYA C . -13.42 16.09 -5.04
CEM MYA C . -14.11 16.89 -3.93
CFM MYA C . -15.65 16.62 -3.88
CIB MIM D . -2.52 27.12 -15.52
NGB MIM D . -3.52 26.57 -13.32
CBB MIM D . -3.22 26.24 -14.56
NAB MIM D . -3.64 24.95 -14.84
CEB MIM D . -4.23 24.47 -13.70
CDB MIM D . -4.13 25.49 -12.81
C9B MIM D . -3.55 24.12 -16.07
C8B MIM D . -2.38 23.14 -15.97
C7B MIM D . -2.54 22.01 -16.99
C6B MIM D . -2.72 22.48 -18.45
C3B MIM D . -1.60 23.37 -18.93
C2B MIM D . -1.85 24.74 -19.05
C1B MIM D . -0.84 25.59 -19.50
C0B MIM D . 0.43 25.07 -19.84
C5B MIM D . 0.68 23.69 -19.72
C4B MIM D . -0.34 22.84 -19.27
CAB MIM D . 1.52 26.01 -20.34
CB MIM D . 1.45 26.21 -21.85
OB MIM D . 1.64 25.28 -22.63
NS MIM D . 1.18 27.41 -22.26
CAS MIM D . 1.07 27.69 -23.65
CS MIM D . 2.10 28.69 -24.11
OS MIM D . 2.51 29.53 -23.31
CBS MIM D . -0.34 28.21 -23.91
OGS MIM D . -0.46 28.61 -25.25
NK MIM D . 2.53 28.58 -25.35
CAK MIM D . 3.47 29.55 -25.88
CK MIM D . 2.98 29.96 -27.24
OK MIM D . 2.09 29.30 -27.79
CBK MIM D . 4.95 29.07 -25.89
CGK MIM D . 5.20 27.79 -26.73
CDK MIM D . 6.69 27.41 -26.68
CEK MIM D . 6.93 26.04 -27.33
NZK MIM D . 6.07 25.06 -26.65
NY MIM D . 3.54 31.00 -27.76
CAY MIM D . 3.18 31.55 -29.06
CBY MIM D . 3.23 33.08 -28.94
CGY MIM D . 2.74 33.82 -30.20
CKY MIM D . 1.31 33.39 -30.65
CHY MIM D . 0.87 34.20 -31.91
CZY MIM D . 0.91 35.73 -31.67
CEY MIM D . 2.33 36.15 -31.22
CDY MIM D . 2.77 35.36 -29.97
S1 MYA E . 8.13 -20.07 13.23
C2 MYA E . 9.41 -20.01 11.91
C3 MYA E . 9.96 -18.57 11.81
N4 MYA E . 10.75 -18.44 10.59
C5 MYA E . 12.03 -18.14 10.63
O5 MYA E . 12.68 -17.92 11.67
C6 MYA E . 12.76 -18.08 9.27
C7 MYA E . 14.03 -17.17 9.32
N8 MYA E . 13.67 -15.81 9.76
C9 MYA E . 12.92 -14.99 9.06
O9 MYA E . 12.44 -15.21 7.92
C10 MYA E . 12.65 -13.66 9.69
O10 MYA E . 13.71 -13.30 10.54
C11 MYA E . 11.28 -13.53 10.41
C12 MYA E . 11.19 -12.16 11.08
C13 MYA E . 11.08 -14.61 11.50
C14 MYA E . 10.13 -13.64 9.40
N1A MYA E . 7.07 -15.01 15.49
O1A MYA E . 10.00 -7.88 9.85
P1A MYA E . 10.66 -7.67 11.18
C1X MYA E . 8.39 -10.05 15.43
C2A MYA E . 6.32 -13.91 15.79
O2A MYA E . 11.46 -6.41 11.32
P2A MYA E . 12.43 -9.89 10.51
C2M MYA E . 6.72 -19.88 12.29
O2M MYA E . 6.78 -19.91 11.06
C2X MYA E . 9.45 -9.40 16.32
O2X MYA E . 9.16 -9.59 17.71
N3A MYA E . 6.73 -12.66 15.64
O3A MYA E . 11.66 -8.92 11.55
C3M MYA E . 5.40 -19.66 13.00
C3X MYA E . 9.33 -7.94 15.98
O3X MYA E . 8.34 -7.31 16.77
P3X MYA E . 8.91 -6.58 18.10
C4A MYA E . 8.02 -12.55 15.25
O4A MYA E . 12.74 -9.16 9.26
C4M MYA E . 5.25 -18.13 13.13
C4X MYA E . 8.91 -7.96 14.53
O4X MYA E . 8.36 -9.27 14.23
C5A MYA E . 8.90 -13.65 14.86
O5A MYA E . 13.59 -10.51 11.24
C5M MYA E . 4.01 -17.71 13.90
C5X MYA E . 10.11 -7.70 13.64
O5X MYA E . 9.61 -7.74 12.33
C6A MYA E . 8.31 -14.92 15.00
N6A MYA E . 9.03 -16.07 14.64
O6A MYA E . 11.37 -11.09 10.13
C6M MYA E . 3.82 -16.20 13.81
N7A MYA E . 10.13 -13.20 14.46
O7A MYA E . 10.43 -6.70 18.02
C7M MYA E . 2.71 -15.70 14.75
C8A MYA E . 10.06 -11.90 14.61
O8A MYA E . 8.42 -5.15 18.01
C8M MYA E . 1.34 -16.28 14.37
N9A MYA E . 8.82 -11.44 15.10
O9A MYA E . 8.34 -7.35 19.30
C9M MYA E . 0.29 -15.70 15.31
CAM MYA E . -1.11 -16.23 15.00
CBM MYA E . -1.66 -15.66 13.69
CCM MYA E . -3.00 -16.28 13.27
CDM MYA E . -4.17 -16.06 14.26
CEM MYA E . -5.40 -16.72 13.62
CFM MYA E . -6.66 -16.52 14.46
CIB MIM F . 10.60 -26.71 12.77
NGB MIM F . 8.23 -26.21 12.80
CBB MIM F . 9.47 -25.80 12.93
NAB MIM F . 9.47 -24.44 13.21
CEB MIM F . 8.16 -24.02 13.25
CDB MIM F . 7.43 -25.14 13.00
C9B MIM F . 10.57 -23.47 13.45
C8B MIM F . 10.82 -23.47 14.94
C7B MIM F . 11.88 -22.46 15.31
C6B MIM F . 12.68 -23.04 16.45
C3B MIM F . 13.73 -23.98 15.92
C2B MIM F . 13.56 -25.37 15.85
C1B MIM F . 14.62 -26.16 15.35
C0B MIM F . 15.82 -25.57 14.94
C5B MIM F . 15.97 -24.18 15.02
C4B MIM F . 14.94 -23.40 15.50
CAB MIM F . 16.98 -26.35 14.42
CB MIM F . 17.83 -26.79 15.58
OB MIM F . 18.35 -25.91 16.26
NS MIM F . 17.97 -28.06 15.82
CAS MIM F . 18.79 -28.45 16.93
CS MIM F . 19.90 -29.36 16.45
OS MIM F . 19.71 -29.91 15.34
CBS MIM F . 17.88 -29.14 17.94
OGS MIM F . 18.58 -29.61 19.10
NK MIM F . 20.96 -29.49 17.23
CAK MIM F . 22.14 -30.35 16.93
CK MIM F . 22.54 -31.03 18.22
OK MIM F . 22.02 -30.61 19.28
CBK MIM F . 23.43 -29.57 16.63
CGK MIM F . 23.43 -28.53 15.54
CDK MIM F . 24.82 -27.89 15.50
CEK MIM F . 25.13 -27.03 16.75
NZK MIM F . 24.35 -25.75 16.71
NY MIM F . 23.43 -31.99 18.13
CAY MIM F . 23.94 -32.76 19.27
CBY MIM F . 23.64 -34.23 18.93
CGY MIM F . 24.15 -35.27 19.94
CKY MIM F . 23.42 -35.18 21.30
CHY MIM F . 23.91 -36.29 22.27
CZY MIM F . 23.67 -37.69 21.65
CEY MIM F . 24.40 -37.78 20.30
CDY MIM F . 23.93 -36.67 19.34
#